data_3PWL
#
_entry.id   3PWL
#
_cell.length_a   58.269
_cell.length_b   84.147
_cell.length_c   84.018
_cell.angle_alpha   90.000
_cell.angle_beta   90.080
_cell.angle_gamma   90.000
#
_symmetry.space_group_name_H-M   'P 1 21 1'
#
loop_
_entity.id
_entity.type
_entity.pdbx_description
1 polymer 'HLA class I histocompatibility antigen, A-2 alpha chain'
2 polymer Beta-2-microglobulin
3 polymer 'HuD peptide'
4 non-polymer GLYCEROL
5 water water
#
loop_
_entity_poly.entity_id
_entity_poly.type
_entity_poly.pdbx_seq_one_letter_code
_entity_poly.pdbx_strand_id
1 'polypeptide(L)'
;GSHSMRYFFTSVSRPGRGEPRFIAVGYVDDTQFVRFDSDAASQRMEPRAPWIEQEGPEYWDGETRKVKAHSQTHRVDLGT
LRGYYNQSEAGSHTVQRMYGCDVGSDWRFLRGYHQYAYDGKDYIALKEDLRSWTAADMAAQTTKHKWEAAHVAEQLRAYL
EGTCVEWLRRYLENGKETLQRTDAPKTHMTHHAVSDHEATLRCWALSFYPAEITLTWQRDGEDQTQDTELVETRPAGDGT
FQKWAAVVVPSGQEQRYTCHVQHEGLPKPLTLRWE
;
A,D
2 'polypeptide(L)'
;MIQRTPKIQVYSRHPAENGKSNFLNCYVSGFHPSDIEVDLLKNGERIEKVEHSDLSFSKDWSFYLLYYTEFTPTEKDEYA
CRVNHVTLSQPKIVKWDRDM
;
B,E
3 'polypeptide(L)' LGYGFVNYI C,F
#
# COMPACT_ATOMS: atom_id res chain seq x y z
N GLY A 1 13.27 6.09 -5.74
CA GLY A 1 14.26 5.49 -6.67
C GLY A 1 13.64 4.26 -7.32
N SER A 2 12.31 4.10 -7.25
CA SER A 2 11.60 2.91 -7.77
C SER A 2 11.29 3.04 -9.28
N HIS A 3 11.27 1.89 -10.00
CA HIS A 3 11.17 1.90 -11.46
C HIS A 3 10.25 0.82 -12.03
N SER A 4 9.78 1.03 -13.26
CA SER A 4 8.85 0.12 -13.94
C SER A 4 9.19 -0.02 -15.40
N MET A 5 8.89 -1.19 -15.97
CA MET A 5 8.86 -1.34 -17.40
C MET A 5 7.44 -1.78 -17.72
N ARG A 6 6.81 -1.11 -18.67
CA ARG A 6 5.41 -1.49 -19.03
C ARG A 6 5.27 -1.49 -20.55
N TYR A 7 4.49 -2.45 -21.05
CA TYR A 7 4.06 -2.47 -22.44
C TYR A 7 2.55 -2.30 -22.50
N PHE A 8 2.10 -1.53 -23.50
CA PHE A 8 0.69 -1.16 -23.63
C PHE A 8 0.27 -1.54 -25.05
N PHE A 9 -0.79 -2.34 -25.20
CA PHE A 9 -1.27 -2.72 -26.54
C PHE A 9 -2.70 -2.24 -26.67
N THR A 10 -3.07 -1.69 -27.83
CA THR A 10 -4.45 -1.31 -28.11
C THR A 10 -4.80 -1.87 -29.45
N SER A 11 -5.91 -2.60 -29.57
CA SER A 11 -6.36 -3.00 -30.91
C SER A 11 -7.81 -2.54 -31.08
N VAL A 12 -8.10 -1.92 -32.23
CA VAL A 12 -9.43 -1.38 -32.45
C VAL A 12 -10.03 -1.92 -33.76
N SER A 13 -11.26 -2.46 -33.73
CA SER A 13 -11.88 -2.92 -34.96
C SER A 13 -12.45 -1.78 -35.74
N ARG A 14 -12.50 -1.95 -37.06
CA ARG A 14 -13.14 -0.95 -37.89
C ARG A 14 -14.00 -1.65 -38.97
N PRO A 15 -15.22 -2.08 -38.58
CA PRO A 15 -16.15 -2.82 -39.46
C PRO A 15 -16.30 -2.24 -40.87
N GLY A 16 -16.02 -3.09 -41.87
CA GLY A 16 -16.09 -2.72 -43.30
C GLY A 16 -15.08 -1.67 -43.75
N ARG A 17 -14.02 -1.48 -42.95
CA ARG A 17 -12.97 -0.51 -43.24
C ARG A 17 -11.63 -1.19 -43.02
N GLY A 18 -11.61 -2.51 -43.16
CA GLY A 18 -10.36 -3.26 -43.09
C GLY A 18 -10.14 -3.98 -41.78
N GLU A 19 -8.92 -4.46 -41.59
CA GLU A 19 -8.54 -5.20 -40.41
C GLU A 19 -8.34 -4.23 -39.21
N PRO A 20 -8.33 -4.78 -37.98
CA PRO A 20 -8.17 -3.88 -36.82
C PRO A 20 -6.84 -3.20 -36.79
N ARG A 21 -6.79 -2.00 -36.20
CA ARG A 21 -5.49 -1.32 -36.06
C ARG A 21 -4.90 -1.66 -34.72
N PHE A 22 -3.63 -2.07 -34.69
CA PHE A 22 -2.96 -2.47 -33.46
C PHE A 22 -1.82 -1.49 -33.22
N ILE A 23 -1.76 -0.93 -32.01
CA ILE A 23 -0.62 -0.03 -31.64
C ILE A 23 -0.02 -0.58 -30.35
N ALA A 24 1.31 -0.74 -30.30
CA ALA A 24 1.99 -1.16 -29.08
C ALA A 24 3.00 -0.10 -28.70
N VAL A 25 3.06 0.25 -27.42
CA VAL A 25 4.16 1.14 -26.96
C VAL A 25 4.79 0.53 -25.71
N GLY A 26 6.05 0.88 -25.50
CA GLY A 26 6.77 0.40 -24.34
C GLY A 26 7.36 1.58 -23.60
N TYR A 27 7.30 1.53 -22.26
CA TYR A 27 7.83 2.61 -21.40
C TYR A 27 8.76 2.07 -20.33
N VAL A 28 9.81 2.84 -19.99
CA VAL A 28 10.55 2.64 -18.72
C VAL A 28 10.15 3.87 -17.91
N ASP A 29 9.51 3.65 -16.75
CA ASP A 29 8.97 4.78 -15.95
C ASP A 29 8.06 5.64 -16.86
N ASP A 30 8.33 6.95 -16.93
CA ASP A 30 7.52 7.84 -17.78
C ASP A 30 8.19 8.22 -19.09
N THR A 31 9.08 7.34 -19.57
CA THR A 31 9.82 7.58 -20.79
C THR A 31 9.52 6.48 -21.79
N GLN A 32 8.89 6.86 -22.90
CA GLN A 32 8.59 5.89 -23.95
C GLN A 32 9.88 5.48 -24.64
N PHE A 33 9.98 4.18 -25.01
CA PHE A 33 11.20 3.76 -25.72
C PHE A 33 11.01 2.96 -26.99
N VAL A 34 9.81 2.37 -27.19
CA VAL A 34 9.54 1.67 -28.46
C VAL A 34 8.09 1.91 -28.90
N ARG A 35 7.86 1.72 -30.21
CA ARG A 35 6.47 1.66 -30.71
C ARG A 35 6.37 0.64 -31.83
N PHE A 36 5.14 0.17 -32.06
CA PHE A 36 4.76 -0.57 -33.27
C PHE A 36 3.34 -0.12 -33.65
N ASP A 37 3.14 0.15 -34.94
CA ASP A 37 1.82 0.54 -35.45
C ASP A 37 1.53 -0.36 -36.65
N SER A 38 0.48 -1.18 -36.55
CA SER A 38 0.17 -2.11 -37.66
C SER A 38 -0.18 -1.43 -38.98
N ASP A 39 -0.60 -0.16 -38.93
CA ASP A 39 -0.94 0.59 -40.16
C ASP A 39 0.28 1.24 -40.81
N ALA A 40 1.41 1.29 -40.10
CA ALA A 40 2.54 2.09 -40.59
C ALA A 40 3.29 1.33 -41.68
N ALA A 41 4.00 2.08 -42.52
CA ALA A 41 4.76 1.50 -43.62
C ALA A 41 5.87 0.54 -43.20
N SER A 42 6.56 0.83 -42.10
CA SER A 42 7.82 0.12 -41.78
C SER A 42 7.59 -1.35 -41.42
N GLN A 43 6.46 -1.63 -40.78
CA GLN A 43 6.21 -2.94 -40.20
C GLN A 43 7.34 -3.37 -39.24
N ARG A 44 7.87 -2.40 -38.47
CA ARG A 44 8.96 -2.73 -37.56
C ARG A 44 8.64 -2.17 -36.21
N MET A 45 9.09 -2.86 -35.17
CA MET A 45 9.26 -2.22 -33.85
C MET A 45 10.33 -1.13 -34.04
N GLU A 46 9.98 0.08 -33.60
CA GLU A 46 10.83 1.26 -33.82
C GLU A 46 11.30 1.91 -32.49
N PRO A 47 12.54 2.43 -32.47
CA PRO A 47 13.01 3.13 -31.28
C PRO A 47 12.35 4.50 -31.08
N ARG A 48 12.11 4.87 -29.82
CA ARG A 48 11.50 6.14 -29.47
C ARG A 48 12.26 6.83 -28.30
N ALA A 49 13.41 6.28 -27.94
CA ALA A 49 14.29 6.92 -26.97
C ALA A 49 15.71 6.77 -27.47
N PRO A 50 16.59 7.75 -27.20
CA PRO A 50 17.94 7.63 -27.75
C PRO A 50 18.74 6.40 -27.22
N TRP A 51 18.50 6.02 -25.98
CA TRP A 51 19.30 4.94 -25.36
C TRP A 51 18.91 3.53 -25.80
N ILE A 52 17.81 3.37 -26.54
CA ILE A 52 17.46 2.02 -27.02
C ILE A 52 18.05 1.84 -28.42
N GLU A 53 18.46 2.94 -29.05
CA GLU A 53 19.00 2.85 -30.43
C GLU A 53 20.22 1.96 -30.59
N GLN A 54 21.02 1.86 -29.53
CA GLN A 54 22.22 0.97 -29.52
C GLN A 54 21.93 -0.52 -29.51
N GLU A 55 20.69 -0.95 -29.23
CA GLU A 55 20.37 -2.35 -29.35
C GLU A 55 20.59 -2.85 -30.78
N GLY A 56 21.12 -4.07 -30.92
CA GLY A 56 21.52 -4.62 -32.20
C GLY A 56 20.39 -5.15 -33.05
N PRO A 57 20.70 -5.64 -34.24
CA PRO A 57 19.67 -6.08 -35.19
C PRO A 57 18.89 -7.28 -34.67
N GLU A 58 19.49 -8.14 -33.85
CA GLU A 58 18.77 -9.28 -33.28
C GLU A 58 17.66 -8.82 -32.35
N TYR A 59 17.93 -7.76 -31.60
CA TYR A 59 16.94 -7.13 -30.78
C TYR A 59 15.76 -6.63 -31.62
N TRP A 60 16.04 -5.82 -32.63
CA TRP A 60 14.96 -5.24 -33.42
C TRP A 60 14.16 -6.26 -34.21
N ASP A 61 14.85 -7.24 -34.76
CA ASP A 61 14.19 -8.34 -35.48
C ASP A 61 13.30 -9.12 -34.53
N GLY A 62 13.80 -9.38 -33.32
CA GLY A 62 13.04 -10.22 -32.38
C GLY A 62 11.86 -9.47 -31.79
N GLU A 63 12.08 -8.21 -31.44
CA GLU A 63 11.00 -7.37 -30.94
C GLU A 63 9.90 -7.18 -31.97
N THR A 64 10.27 -7.05 -33.25
CA THR A 64 9.32 -6.93 -34.35
C THR A 64 8.50 -8.25 -34.53
N ARG A 65 9.21 -9.39 -34.52
CA ARG A 65 8.55 -10.71 -34.63
C ARG A 65 7.51 -10.91 -33.51
N LYS A 66 7.91 -10.61 -32.26
CA LYS A 66 7.00 -10.80 -31.13
C LYS A 66 5.76 -9.89 -31.20
N VAL A 67 5.97 -8.63 -31.55
CA VAL A 67 4.87 -7.68 -31.52
C VAL A 67 3.91 -7.90 -32.68
N LYS A 68 4.41 -8.35 -33.84
CA LYS A 68 3.59 -8.75 -34.94
C LYS A 68 2.74 -9.95 -34.56
N ALA A 69 3.32 -10.89 -33.81
CA ALA A 69 2.55 -12.08 -33.35
C ALA A 69 1.44 -11.62 -32.44
N HIS A 70 1.74 -10.72 -31.49
CA HIS A 70 0.67 -10.14 -30.64
C HIS A 70 -0.37 -9.37 -31.42
N SER A 71 0.05 -8.64 -32.46
CA SER A 71 -0.92 -7.94 -33.31
CA SER A 71 -0.92 -7.94 -33.31
C SER A 71 -1.97 -8.91 -33.84
N GLN A 72 -1.52 -10.08 -34.27
CA GLN A 72 -2.43 -11.07 -34.88
C GLN A 72 -3.32 -11.68 -33.84
N THR A 73 -2.81 -11.93 -32.63
CA THR A 73 -3.68 -12.57 -31.65
C THR A 73 -4.77 -11.61 -31.18
N HIS A 74 -4.47 -10.33 -31.10
CA HIS A 74 -5.45 -9.34 -30.60
C HIS A 74 -6.48 -9.10 -31.66
N ARG A 75 -6.10 -9.30 -32.92
CA ARG A 75 -7.10 -9.32 -34.00
C ARG A 75 -8.12 -10.45 -33.85
N VAL A 76 -7.59 -11.63 -33.58
CA VAL A 76 -8.45 -12.81 -33.34
C VAL A 76 -9.33 -12.53 -32.10
N ASP A 77 -8.74 -11.93 -31.04
CA ASP A 77 -9.49 -11.62 -29.83
C ASP A 77 -10.73 -10.76 -30.09
N LEU A 78 -10.62 -9.79 -30.98
CA LEU A 78 -11.79 -8.92 -31.22
C LEU A 78 -12.95 -9.73 -31.79
N GLY A 79 -12.64 -10.67 -32.70
CA GLY A 79 -13.61 -11.67 -33.13
C GLY A 79 -14.20 -12.52 -31.99
N THR A 80 -13.33 -13.07 -31.17
CA THR A 80 -13.74 -13.96 -30.05
C THR A 80 -14.69 -13.23 -29.09
N LEU A 81 -14.35 -11.98 -28.77
CA LEU A 81 -15.14 -11.18 -27.82
C LEU A 81 -16.50 -10.81 -28.39
N ARG A 82 -16.59 -10.55 -29.71
CA ARG A 82 -17.90 -10.35 -30.33
C ARG A 82 -18.74 -11.61 -30.10
N GLY A 83 -18.12 -12.80 -30.19
CA GLY A 83 -18.84 -14.08 -29.94
C GLY A 83 -19.25 -14.21 -28.47
N TYR A 84 -18.30 -13.91 -27.57
CA TYR A 84 -18.61 -14.03 -26.12
C TYR A 84 -19.75 -13.11 -25.69
N TYR A 85 -19.83 -11.92 -26.31
CA TYR A 85 -20.83 -10.96 -25.86
C TYR A 85 -22.03 -10.85 -26.80
N ASN A 86 -22.08 -11.74 -27.81
CA ASN A 86 -23.18 -11.75 -28.80
CA ASN A 86 -23.15 -11.76 -28.83
C ASN A 86 -23.37 -10.38 -29.45
N GLN A 87 -22.23 -9.79 -29.85
CA GLN A 87 -22.23 -8.46 -30.49
C GLN A 87 -22.18 -8.53 -31.99
N SER A 88 -22.72 -7.51 -32.62
CA SER A 88 -22.81 -7.47 -34.08
C SER A 88 -21.53 -6.85 -34.68
N GLU A 89 -21.53 -6.71 -36.00
CA GLU A 89 -20.44 -5.92 -36.61
C GLU A 89 -20.85 -4.52 -36.97
N ALA A 90 -21.90 -4.00 -36.34
CA ALA A 90 -22.31 -2.61 -36.62
C ALA A 90 -21.34 -1.56 -36.06
N GLY A 91 -20.67 -1.95 -34.97
CA GLY A 91 -19.81 -1.04 -34.25
C GLY A 91 -18.36 -1.44 -34.04
N SER A 92 -17.57 -0.43 -33.70
CA SER A 92 -16.14 -0.64 -33.42
CA SER A 92 -16.13 -0.65 -33.42
C SER A 92 -15.96 -1.05 -31.96
N HIS A 93 -14.97 -1.92 -31.70
CA HIS A 93 -14.64 -2.34 -30.31
C HIS A 93 -13.14 -2.26 -30.06
N THR A 94 -12.78 -2.27 -28.79
CA THR A 94 -11.38 -2.02 -28.40
C THR A 94 -10.94 -3.09 -27.41
N VAL A 95 -9.77 -3.69 -27.68
CA VAL A 95 -9.09 -4.51 -26.71
C VAL A 95 -7.82 -3.78 -26.27
N GLN A 96 -7.51 -3.89 -24.99
CA GLN A 96 -6.27 -3.31 -24.41
C GLN A 96 -5.61 -4.32 -23.56
N ARG A 97 -4.28 -4.38 -23.63
CA ARG A 97 -3.53 -5.24 -22.74
C ARG A 97 -2.39 -4.37 -22.17
N MET A 98 -2.09 -4.57 -20.90
CA MET A 98 -0.93 -3.85 -20.29
C MET A 98 -0.23 -4.82 -19.39
N TYR A 99 1.11 -4.85 -19.47
CA TYR A 99 1.82 -5.72 -18.58
C TYR A 99 3.15 -5.11 -18.22
N GLY A 100 3.72 -5.58 -17.12
CA GLY A 100 5.11 -5.22 -16.82
C GLY A 100 5.51 -5.47 -15.41
N CYS A 101 6.63 -4.89 -15.01
CA CYS A 101 7.20 -5.26 -13.70
C CYS A 101 7.65 -3.98 -13.02
N ASP A 102 7.66 -3.97 -11.68
CA ASP A 102 8.19 -2.85 -10.89
C ASP A 102 9.36 -3.35 -10.07
N VAL A 103 10.40 -2.51 -9.90
CA VAL A 103 11.48 -2.78 -8.98
C VAL A 103 11.61 -1.61 -8.02
N GLY A 104 12.25 -1.84 -6.88
CA GLY A 104 12.41 -0.83 -5.87
C GLY A 104 13.67 -0.02 -6.14
N SER A 105 14.01 0.86 -5.19
CA SER A 105 15.25 1.63 -5.28
C SER A 105 16.49 0.78 -5.47
N ASP A 106 16.47 -0.43 -4.93
CA ASP A 106 17.62 -1.34 -4.96
C ASP A 106 17.58 -2.23 -6.19
N TRP A 107 16.57 -2.02 -7.04
CA TRP A 107 16.36 -2.68 -8.33
C TRP A 107 15.95 -4.16 -8.20
N ARG A 108 15.53 -4.53 -7.00
CA ARG A 108 14.96 -5.85 -6.84
C ARG A 108 13.47 -5.78 -7.13
N PHE A 109 12.98 -6.89 -7.69
CA PHE A 109 11.58 -7.07 -8.05
C PHE A 109 10.63 -6.70 -6.90
N LEU A 110 9.58 -5.94 -7.22
CA LEU A 110 8.57 -5.54 -6.24
C LEU A 110 7.28 -6.32 -6.57
N ARG A 111 6.81 -6.14 -7.78
CA ARG A 111 5.57 -6.79 -8.22
C ARG A 111 5.47 -6.85 -9.74
N GLY A 112 4.62 -7.74 -10.22
CA GLY A 112 4.38 -7.86 -11.64
C GLY A 112 2.89 -7.71 -11.91
N TYR A 113 2.56 -7.41 -13.16
CA TYR A 113 1.15 -7.22 -13.54
C TYR A 113 0.90 -7.52 -15.00
N HIS A 114 -0.33 -7.90 -15.28
CA HIS A 114 -0.71 -8.26 -16.62
C HIS A 114 -2.23 -8.19 -16.64
N GLN A 115 -2.77 -7.22 -17.38
CA GLN A 115 -4.21 -6.90 -17.28
C GLN A 115 -4.74 -6.72 -18.69
N TYR A 116 -6.01 -7.09 -18.90
CA TYR A 116 -6.65 -6.95 -20.19
C TYR A 116 -8.01 -6.27 -20.02
N ALA A 117 -8.39 -5.43 -20.99
CA ALA A 117 -9.66 -4.71 -20.97
C ALA A 117 -10.36 -4.87 -22.29
N TYR A 118 -11.69 -4.90 -22.23
CA TYR A 118 -12.49 -4.87 -23.45
C TYR A 118 -13.47 -3.72 -23.39
N ASP A 119 -13.47 -2.86 -24.43
CA ASP A 119 -14.32 -1.65 -24.44
C ASP A 119 -14.19 -0.77 -23.18
N GLY A 120 -12.94 -0.63 -22.73
CA GLY A 120 -12.57 0.28 -21.64
C GLY A 120 -12.85 -0.18 -20.23
N LYS A 121 -13.29 -1.44 -20.08
CA LYS A 121 -13.67 -2.01 -18.78
C LYS A 121 -12.68 -3.14 -18.49
N ASP A 122 -12.27 -3.31 -17.21
CA ASP A 122 -11.48 -4.54 -16.82
C ASP A 122 -12.13 -5.80 -17.37
N TYR A 123 -11.30 -6.67 -17.93
CA TYR A 123 -11.74 -7.97 -18.45
C TYR A 123 -11.13 -9.11 -17.62
N ILE A 124 -9.81 -9.26 -17.70
CA ILE A 124 -9.16 -10.28 -16.85
C ILE A 124 -7.79 -9.70 -16.43
N ALA A 125 -7.36 -10.05 -15.23
CA ALA A 125 -6.08 -9.54 -14.67
C ALA A 125 -5.38 -10.65 -13.88
N LEU A 126 -4.08 -10.73 -14.07
CA LEU A 126 -3.28 -11.57 -13.22
C LEU A 126 -3.23 -11.01 -11.81
N LYS A 127 -3.45 -11.89 -10.84
CA LYS A 127 -3.38 -11.49 -9.44
C LYS A 127 -1.95 -11.23 -9.01
N GLU A 128 -1.76 -10.53 -7.88
CA GLU A 128 -0.41 -10.25 -7.34
C GLU A 128 0.52 -11.47 -7.14
N ASP A 129 -0.05 -12.64 -6.85
CA ASP A 129 0.74 -13.84 -6.66
C ASP A 129 1.33 -14.40 -7.98
N LEU A 130 0.87 -13.83 -9.10
CA LEU A 130 1.26 -14.24 -10.47
C LEU A 130 0.90 -15.72 -10.78
N ARG A 131 -0.11 -16.24 -10.06
CA ARG A 131 -0.49 -17.67 -10.12
C ARG A 131 -1.97 -17.85 -10.45
N SER A 132 -2.70 -16.78 -10.37
CA SER A 132 -4.16 -16.89 -10.40
C SER A 132 -4.72 -15.63 -11.05
N TRP A 133 -6.00 -15.70 -11.46
CA TRP A 133 -6.63 -14.67 -12.25
C TRP A 133 -7.88 -14.10 -11.60
N THR A 134 -8.16 -12.83 -11.89
CA THR A 134 -9.41 -12.14 -11.54
C THR A 134 -10.16 -11.82 -12.83
N ALA A 135 -11.37 -12.37 -12.97
CA ALA A 135 -12.12 -12.24 -14.21
C ALA A 135 -13.28 -11.36 -13.81
N ALA A 136 -13.55 -10.32 -14.61
CA ALA A 136 -14.45 -9.29 -14.21
C ALA A 136 -15.92 -9.55 -14.44
N ASP A 137 -16.23 -10.49 -15.33
CA ASP A 137 -17.61 -10.85 -15.67
C ASP A 137 -17.68 -12.30 -16.13
N MET A 138 -18.83 -12.75 -16.64
CA MET A 138 -18.95 -14.16 -16.98
C MET A 138 -18.17 -14.53 -18.21
N ALA A 139 -18.16 -13.65 -19.22
CA ALA A 139 -17.29 -13.92 -20.38
C ALA A 139 -15.82 -14.08 -20.04
N ALA A 140 -15.32 -13.25 -19.11
CA ALA A 140 -13.91 -13.36 -18.73
C ALA A 140 -13.65 -14.64 -17.96
N GLN A 141 -14.68 -15.24 -17.32
CA GLN A 141 -14.50 -16.54 -16.72
C GLN A 141 -14.17 -17.61 -17.77
N THR A 142 -14.78 -17.51 -18.97
CA THR A 142 -14.43 -18.41 -20.08
C THR A 142 -12.91 -18.32 -20.38
N THR A 143 -12.43 -17.09 -20.54
CA THR A 143 -10.98 -16.88 -20.72
C THR A 143 -10.13 -17.45 -19.58
N LYS A 144 -10.57 -17.18 -18.35
CA LYS A 144 -9.89 -17.72 -17.17
C LYS A 144 -9.75 -19.26 -17.25
N HIS A 145 -10.82 -19.96 -17.62
CA HIS A 145 -10.74 -21.43 -17.66
C HIS A 145 -9.74 -21.88 -18.73
N LYS A 146 -9.79 -21.19 -19.87
CA LYS A 146 -8.86 -21.55 -20.96
C LYS A 146 -7.39 -21.22 -20.58
N TRP A 147 -7.19 -20.11 -19.86
CA TRP A 147 -5.82 -19.70 -19.51
C TRP A 147 -5.29 -20.55 -18.36
N GLU A 148 -6.20 -21.03 -17.49
CA GLU A 148 -5.77 -21.98 -16.46
C GLU A 148 -5.37 -23.30 -17.08
N ALA A 149 -6.18 -23.81 -18.01
CA ALA A 149 -5.85 -25.11 -18.61
C ALA A 149 -4.58 -25.03 -19.47
N ALA A 150 -4.26 -23.82 -20.00
CA ALA A 150 -3.05 -23.61 -20.84
C ALA A 150 -1.81 -23.15 -20.05
N HIS A 151 -1.98 -23.00 -18.73
CA HIS A 151 -0.88 -22.60 -17.85
C HIS A 151 -0.24 -21.28 -18.26
N VAL A 152 -1.08 -20.33 -18.64
CA VAL A 152 -0.63 -19.00 -19.07
C VAL A 152 0.05 -18.27 -17.90
N ALA A 153 -0.53 -18.38 -16.70
CA ALA A 153 0.07 -17.67 -15.52
C ALA A 153 1.53 -18.06 -15.28
N GLU A 154 1.85 -19.34 -15.43
CA GLU A 154 3.22 -19.83 -15.22
C GLU A 154 4.20 -19.23 -16.20
N GLN A 155 3.77 -19.07 -17.44
CA GLN A 155 4.56 -18.37 -18.46
C GLN A 155 4.82 -16.92 -18.10
N LEU A 156 3.74 -16.25 -17.70
CA LEU A 156 3.85 -14.84 -17.33
C LEU A 156 4.71 -14.65 -16.09
N ARG A 157 4.55 -15.50 -15.10
CA ARG A 157 5.29 -15.34 -13.86
C ARG A 157 6.79 -15.46 -14.12
N ALA A 158 7.18 -16.41 -14.96
CA ALA A 158 8.60 -16.59 -15.26
C ALA A 158 9.16 -15.37 -15.98
N TYR A 159 8.37 -14.78 -16.89
CA TYR A 159 8.78 -13.56 -17.59
C TYR A 159 8.89 -12.35 -16.64
N LEU A 160 7.84 -12.18 -15.86
CA LEU A 160 7.70 -10.99 -15.02
C LEU A 160 8.76 -10.93 -13.93
N GLU A 161 9.08 -12.08 -13.33
CA GLU A 161 10.08 -12.14 -12.26
C GLU A 161 11.50 -12.26 -12.77
N GLY A 162 11.66 -12.56 -14.06
CA GLY A 162 12.97 -12.89 -14.59
C GLY A 162 13.38 -11.89 -15.65
N THR A 163 13.10 -12.25 -16.90
CA THR A 163 13.36 -11.46 -18.08
C THR A 163 12.97 -9.97 -17.98
N CYS A 164 11.76 -9.72 -17.52
CA CYS A 164 11.24 -8.35 -17.41
C CYS A 164 12.17 -7.49 -16.54
N VAL A 165 12.51 -8.01 -15.37
CA VAL A 165 13.38 -7.34 -14.38
CA VAL A 165 13.34 -7.22 -14.48
C VAL A 165 14.80 -7.14 -14.94
N GLU A 166 15.31 -8.19 -15.60
CA GLU A 166 16.66 -8.13 -16.16
C GLU A 166 16.82 -7.07 -17.25
N TRP A 167 15.86 -6.98 -18.15
CA TRP A 167 15.91 -6.00 -19.23
C TRP A 167 15.59 -4.62 -18.70
N LEU A 168 14.68 -4.51 -17.73
CA LEU A 168 14.48 -3.20 -17.06
C LEU A 168 15.81 -2.66 -16.50
N ARG A 169 16.54 -3.51 -15.78
CA ARG A 169 17.84 -3.08 -15.21
C ARG A 169 18.84 -2.68 -16.30
N ARG A 170 18.86 -3.46 -17.40
CA ARG A 170 19.75 -3.14 -18.52
C ARG A 170 19.41 -1.74 -19.09
N TYR A 171 18.13 -1.43 -19.24
CA TYR A 171 17.70 -0.16 -19.82
C TYR A 171 18.03 1.00 -18.88
N LEU A 172 17.78 0.79 -17.59
CA LEU A 172 18.16 1.74 -16.53
C LEU A 172 19.63 2.11 -16.55
N GLU A 173 20.48 1.12 -16.82
CA GLU A 173 21.89 1.37 -16.92
C GLU A 173 22.26 2.07 -18.23
N ASN A 174 21.76 1.54 -19.35
CA ASN A 174 22.08 2.10 -20.67
C ASN A 174 21.55 3.50 -20.86
N GLY A 175 20.37 3.78 -20.30
CA GLY A 175 19.75 5.10 -20.36
C GLY A 175 19.87 5.89 -19.08
N LYS A 176 20.96 5.68 -18.34
CA LYS A 176 21.08 6.24 -16.99
C LYS A 176 20.95 7.76 -16.95
N GLU A 177 21.53 8.46 -17.92
CA GLU A 177 21.41 9.93 -17.99
C GLU A 177 19.94 10.41 -18.00
N THR A 178 19.09 9.73 -18.77
CA THR A 178 17.65 10.03 -18.90
C THR A 178 16.84 9.43 -17.75
N LEU A 179 17.06 8.15 -17.50
CA LEU A 179 16.14 7.40 -16.65
C LEU A 179 16.44 7.48 -15.16
N GLN A 180 17.70 7.66 -14.79
N GLN A 180 17.72 7.61 -14.84
CA GLN A 180 18.03 7.74 -13.36
CA GLN A 180 18.16 7.82 -13.47
C GLN A 180 17.99 9.17 -12.79
C GLN A 180 18.53 9.28 -13.30
N ARG A 181 17.56 10.14 -13.60
CA ARG A 181 17.60 11.50 -13.17
C ARG A 181 16.33 11.84 -12.41
N THR A 182 16.48 12.86 -11.59
CA THR A 182 15.34 13.47 -11.00
CA THR A 182 15.33 13.50 -10.95
C THR A 182 15.45 14.97 -11.29
N ASP A 183 14.40 15.53 -11.88
CA ASP A 183 14.40 16.98 -12.12
C ASP A 183 13.37 17.51 -11.15
N ALA A 184 13.80 18.28 -10.13
CA ALA A 184 12.84 18.86 -9.19
C ALA A 184 11.94 19.92 -9.89
N PRO A 185 10.68 20.00 -9.46
CA PRO A 185 9.83 21.04 -10.07
C PRO A 185 10.26 22.47 -9.77
N LYS A 186 10.12 23.32 -10.79
CA LYS A 186 10.28 24.75 -10.59
C LYS A 186 8.87 25.26 -10.30
N THR A 187 8.68 25.80 -9.11
CA THR A 187 7.34 26.15 -8.63
C THR A 187 7.10 27.64 -8.48
N HIS A 188 5.84 28.04 -8.70
CA HIS A 188 5.41 29.42 -8.40
C HIS A 188 3.89 29.42 -8.30
N MET A 189 3.34 30.54 -7.82
CA MET A 189 1.91 30.69 -7.87
C MET A 189 1.52 31.93 -8.67
N THR A 190 0.37 31.91 -9.35
CA THR A 190 -0.11 33.10 -10.08
C THR A 190 -1.42 33.57 -9.47
N HIS A 191 -1.69 34.87 -9.60
CA HIS A 191 -2.86 35.50 -9.01
C HIS A 191 -3.56 36.31 -10.08
N HIS A 192 -4.85 36.05 -10.33
CA HIS A 192 -5.56 36.90 -11.28
C HIS A 192 -6.97 37.16 -10.81
N ALA A 193 -7.38 38.42 -10.78
CA ALA A 193 -8.76 38.77 -10.38
C ALA A 193 -9.74 38.16 -11.37
N VAL A 194 -10.82 37.56 -10.86
CA VAL A 194 -11.92 37.19 -11.77
C VAL A 194 -13.06 38.19 -11.70
N SER A 195 -13.10 38.96 -10.63
CA SER A 195 -14.07 40.04 -10.47
C SER A 195 -13.48 40.98 -9.44
N ASP A 196 -14.28 41.93 -8.98
CA ASP A 196 -13.88 42.85 -7.90
C ASP A 196 -13.78 42.21 -6.55
N HIS A 197 -14.28 40.98 -6.44
CA HIS A 197 -14.35 40.35 -5.16
C HIS A 197 -13.75 38.98 -5.10
N GLU A 198 -13.32 38.42 -6.23
CA GLU A 198 -12.67 37.10 -6.22
C GLU A 198 -11.42 37.01 -7.09
N ALA A 199 -10.52 36.12 -6.72
CA ALA A 199 -9.30 35.88 -7.47
C ALA A 199 -8.97 34.41 -7.65
N THR A 200 -8.38 34.08 -8.79
CA THR A 200 -7.92 32.70 -9.03
C THR A 200 -6.49 32.60 -8.55
N LEU A 201 -6.21 31.66 -7.67
CA LEU A 201 -4.84 31.37 -7.24
C LEU A 201 -4.43 30.05 -7.88
N ARG A 202 -3.34 30.04 -8.63
CA ARG A 202 -2.97 28.84 -9.37
C ARG A 202 -1.53 28.50 -8.97
N CYS A 203 -1.35 27.26 -8.50
CA CYS A 203 -0.07 26.77 -8.06
C CYS A 203 0.52 25.92 -9.19
N TRP A 204 1.74 26.28 -9.61
CA TRP A 204 2.41 25.67 -10.76
C TRP A 204 3.62 24.86 -10.37
N ALA A 205 3.79 23.73 -11.07
CA ALA A 205 4.99 22.99 -11.02
C ALA A 205 5.43 22.69 -12.46
N LEU A 206 6.68 23.06 -12.79
CA LEU A 206 7.17 22.95 -14.15
C LEU A 206 8.47 22.21 -14.19
N SER A 207 8.76 21.62 -15.34
CA SER A 207 10.10 21.07 -15.64
CA SER A 207 10.07 21.04 -15.67
C SER A 207 10.52 19.93 -14.74
N PHE A 208 9.56 19.11 -14.32
CA PHE A 208 9.90 17.98 -13.39
C PHE A 208 9.90 16.59 -14.05
N TYR A 209 10.63 15.70 -13.42
CA TYR A 209 10.74 14.30 -13.85
C TYR A 209 11.18 13.53 -12.60
N PRO A 210 10.54 12.35 -12.29
CA PRO A 210 9.44 11.69 -13.04
C PRO A 210 8.13 12.38 -12.85
N ALA A 211 7.08 11.83 -13.47
CA ALA A 211 5.79 12.56 -13.51
C ALA A 211 5.02 12.57 -12.18
N GLU A 212 5.29 11.60 -11.30
CA GLU A 212 4.63 11.54 -9.98
C GLU A 212 4.86 12.86 -9.20
N ILE A 213 3.77 13.50 -8.79
CA ILE A 213 3.88 14.71 -7.99
C ILE A 213 2.55 14.92 -7.25
N THR A 214 2.59 15.65 -6.14
CA THR A 214 1.35 16.04 -5.43
CA THR A 214 1.31 16.06 -5.53
C THR A 214 1.31 17.56 -5.26
N LEU A 215 0.20 18.19 -5.62
CA LEU A 215 0.03 19.65 -5.44
C LEU A 215 -1.26 19.80 -4.69
N THR A 216 -1.23 20.52 -3.56
CA THR A 216 -2.48 20.69 -2.81
C THR A 216 -2.57 22.11 -2.31
N TRP A 217 -3.80 22.57 -2.06
CA TRP A 217 -4.04 23.88 -1.46
C TRP A 217 -4.57 23.71 -0.08
N GLN A 218 -4.08 24.53 0.86
CA GLN A 218 -4.67 24.60 2.19
C GLN A 218 -5.19 25.99 2.47
N ARG A 219 -6.25 26.09 3.29
CA ARG A 219 -6.78 27.37 3.79
C ARG A 219 -6.67 27.30 5.29
N ASP A 220 -5.81 28.16 5.87
CA ASP A 220 -5.45 28.08 7.33
C ASP A 220 -5.06 26.66 7.72
N GLY A 221 -4.32 26.03 6.84
CA GLY A 221 -3.86 24.67 7.07
C GLY A 221 -4.84 23.53 6.83
N GLU A 222 -6.06 23.87 6.36
CA GLU A 222 -7.06 22.84 6.08
C GLU A 222 -7.08 22.57 4.58
N ASP A 223 -7.02 21.30 4.20
CA ASP A 223 -6.99 20.97 2.79
C ASP A 223 -8.28 21.42 2.09
N GLN A 224 -8.13 21.94 0.87
CA GLN A 224 -9.23 22.53 0.12
C GLN A 224 -9.52 21.64 -1.08
N THR A 225 -9.54 20.32 -0.84
CA THR A 225 -9.52 19.40 -1.97
C THR A 225 -10.81 19.49 -2.84
N GLN A 226 -11.98 19.69 -2.20
CA GLN A 226 -13.23 19.80 -2.98
C GLN A 226 -13.35 21.09 -3.78
N ASP A 227 -12.56 22.09 -3.38
CA ASP A 227 -12.58 23.39 -4.05
C ASP A 227 -11.43 23.59 -4.97
N THR A 228 -10.59 22.56 -5.12
CA THR A 228 -9.43 22.67 -5.98
C THR A 228 -9.68 22.10 -7.39
N GLU A 229 -9.23 22.85 -8.40
CA GLU A 229 -9.19 22.33 -9.77
C GLU A 229 -7.78 21.83 -10.00
N LEU A 230 -7.67 20.52 -10.19
CA LEU A 230 -6.35 19.88 -10.34
C LEU A 230 -6.27 19.29 -11.75
N VAL A 231 -5.37 19.78 -12.61
CA VAL A 231 -5.35 19.26 -14.00
C VAL A 231 -4.48 18.03 -14.08
N GLU A 232 -4.67 17.23 -15.12
CA GLU A 232 -3.85 16.04 -15.35
CA GLU A 232 -3.82 16.04 -15.27
C GLU A 232 -2.39 16.45 -15.58
N THR A 233 -1.44 15.70 -14.99
CA THR A 233 -0.02 15.96 -15.25
C THR A 233 0.23 15.79 -16.76
N ARG A 234 0.94 16.76 -17.32
CA ARG A 234 1.04 16.83 -18.79
C ARG A 234 2.50 16.90 -19.23
N PRO A 235 2.78 16.35 -20.42
CA PRO A 235 4.18 16.37 -20.88
C PRO A 235 4.51 17.72 -21.47
N ALA A 236 5.72 18.22 -21.18
CA ALA A 236 6.18 19.45 -21.84
C ALA A 236 6.64 19.18 -23.26
N GLY A 237 6.99 17.92 -23.55
CA GLY A 237 7.48 17.54 -24.89
C GLY A 237 8.98 17.32 -24.90
N ASP A 238 9.66 17.75 -23.84
CA ASP A 238 11.13 17.63 -23.75
C ASP A 238 11.59 16.56 -22.77
N GLY A 239 10.66 15.74 -22.31
CA GLY A 239 11.03 14.73 -21.32
C GLY A 239 10.71 15.16 -19.89
N THR A 240 10.18 16.37 -19.72
CA THR A 240 9.72 16.79 -18.40
C THR A 240 8.19 16.98 -18.38
N PHE A 241 7.67 17.22 -17.18
CA PHE A 241 6.20 17.31 -16.97
C PHE A 241 5.81 18.59 -16.29
N GLN A 242 4.50 18.90 -16.37
CA GLN A 242 3.95 20.14 -15.81
C GLN A 242 2.64 19.76 -15.13
N LYS A 243 2.24 20.54 -14.12
CA LYS A 243 0.95 20.38 -13.47
C LYS A 243 0.59 21.67 -12.74
N TRP A 244 -0.71 21.92 -12.64
CA TRP A 244 -1.16 23.06 -11.83
C TRP A 244 -2.39 22.69 -11.03
N ALA A 245 -2.58 23.44 -9.95
CA ALA A 245 -3.83 23.33 -9.15
C ALA A 245 -4.34 24.73 -8.89
N ALA A 246 -5.65 24.94 -9.02
CA ALA A 246 -6.21 26.28 -8.76
C ALA A 246 -7.38 26.29 -7.81
N VAL A 247 -7.46 27.38 -7.06
CA VAL A 247 -8.65 27.68 -6.25
C VAL A 247 -9.13 29.12 -6.56
N VAL A 248 -10.42 29.37 -6.43
CA VAL A 248 -10.96 30.73 -6.57
C VAL A 248 -11.31 31.19 -5.18
N VAL A 249 -10.77 32.35 -4.75
CA VAL A 249 -10.89 32.77 -3.34
C VAL A 249 -11.40 34.20 -3.25
N PRO A 250 -12.00 34.58 -2.11
CA PRO A 250 -12.41 35.97 -1.97
C PRO A 250 -11.15 36.85 -1.86
N SER A 251 -11.16 37.95 -2.60
CA SER A 251 -10.07 38.95 -2.57
C SER A 251 -9.89 39.47 -1.14
N GLY A 252 -8.65 39.46 -0.69
CA GLY A 252 -8.35 39.85 0.65
C GLY A 252 -7.96 38.67 1.50
N GLN A 253 -8.38 37.47 1.10
CA GLN A 253 -8.05 36.27 1.88
C GLN A 253 -6.84 35.50 1.39
N GLU A 254 -6.10 36.04 0.41
CA GLU A 254 -4.96 35.28 -0.18
C GLU A 254 -3.95 34.73 0.85
N GLN A 255 -3.66 35.50 1.90
CA GLN A 255 -2.66 35.09 2.89
C GLN A 255 -3.09 33.87 3.70
N ARG A 256 -4.39 33.52 3.67
CA ARG A 256 -4.80 32.26 4.31
C ARG A 256 -4.44 31.02 3.51
N TYR A 257 -4.16 31.22 2.24
CA TYR A 257 -3.98 30.08 1.35
C TYR A 257 -2.54 29.75 1.07
N THR A 258 -2.22 28.46 1.12
CA THR A 258 -0.85 28.01 0.83
C THR A 258 -0.91 26.86 -0.15
N CYS A 259 0.07 26.78 -1.04
CA CYS A 259 0.23 25.62 -1.94
C CYS A 259 1.37 24.73 -1.49
N HIS A 260 1.15 23.42 -1.59
CA HIS A 260 2.05 22.43 -1.05
C HIS A 260 2.47 21.49 -2.16
N VAL A 261 3.79 21.36 -2.37
CA VAL A 261 4.32 20.58 -3.50
C VAL A 261 5.20 19.47 -2.96
N GLN A 262 4.91 18.24 -3.39
CA GLN A 262 5.75 17.09 -3.03
C GLN A 262 6.24 16.42 -4.29
N HIS A 263 7.54 16.16 -4.34
CA HIS A 263 8.16 15.50 -5.49
C HIS A 263 9.47 14.90 -5.07
N GLU A 264 9.85 13.80 -5.69
CA GLU A 264 11.06 13.10 -5.29
C GLU A 264 12.38 13.90 -5.46
N GLY A 265 12.35 14.89 -6.35
CA GLY A 265 13.46 15.78 -6.61
C GLY A 265 13.69 16.85 -5.59
N LEU A 266 12.69 17.12 -4.77
CA LEU A 266 12.80 18.11 -3.72
C LEU A 266 13.46 17.54 -2.47
N PRO A 267 14.44 18.26 -1.91
CA PRO A 267 15.05 17.84 -0.64
C PRO A 267 14.04 17.84 0.52
N LYS A 268 13.05 18.74 0.45
CA LYS A 268 11.94 18.83 1.43
C LYS A 268 10.70 19.28 0.64
N PRO A 269 9.47 18.87 1.06
CA PRO A 269 8.26 19.42 0.42
C PRO A 269 8.23 20.94 0.57
N LEU A 270 7.74 21.61 -0.47
CA LEU A 270 7.68 23.06 -0.46
C LEU A 270 6.33 23.57 -0.08
N THR A 271 6.33 24.65 0.69
CA THR A 271 5.11 25.41 0.93
C THR A 271 5.29 26.79 0.28
N LEU A 272 4.36 27.14 -0.59
CA LEU A 272 4.40 28.47 -1.24
C LEU A 272 3.31 29.32 -0.63
N ARG A 273 3.61 30.59 -0.39
CA ARG A 273 2.71 31.47 0.38
C ARG A 273 2.48 32.77 -0.36
N TRP A 274 1.47 33.55 0.08
CA TRP A 274 1.17 34.87 -0.49
C TRP A 274 1.62 35.99 0.43
N GLU A 275 2.52 35.66 1.37
CA GLU A 275 3.08 36.62 2.34
C GLU A 275 4.48 36.15 2.67
N MET B 1 -22.11 1.23 -24.12
CA MET B 1 -20.64 1.09 -24.02
C MET B 1 -20.00 2.27 -23.31
N ILE B 2 -18.89 2.03 -22.62
CA ILE B 2 -18.14 3.10 -21.95
C ILE B 2 -17.71 4.18 -22.91
N GLN B 3 -17.94 5.43 -22.52
CA GLN B 3 -17.37 6.59 -23.24
C GLN B 3 -16.87 7.53 -22.16
N ARG B 4 -15.67 8.08 -22.37
CA ARG B 4 -15.06 9.03 -21.44
C ARG B 4 -14.57 10.23 -22.25
N THR B 5 -14.87 11.41 -21.73
CA THR B 5 -14.63 12.70 -22.45
CA THR B 5 -14.59 12.66 -22.48
C THR B 5 -13.15 13.07 -22.36
N PRO B 6 -12.57 13.55 -23.46
CA PRO B 6 -11.16 14.05 -23.37
C PRO B 6 -11.07 15.32 -22.50
N LYS B 7 -10.02 15.35 -21.69
CA LYS B 7 -9.67 16.54 -20.89
C LYS B 7 -8.62 17.21 -21.75
N ILE B 8 -8.89 18.43 -22.20
CA ILE B 8 -8.03 19.11 -23.19
C ILE B 8 -7.21 20.22 -22.55
N GLN B 9 -5.88 20.20 -22.76
CA GLN B 9 -5.06 21.32 -22.25
C GLN B 9 -4.18 21.83 -23.37
N VAL B 10 -4.16 23.17 -23.54
CA VAL B 10 -3.38 23.85 -24.61
CA VAL B 10 -3.36 23.77 -24.59
C VAL B 10 -2.37 24.76 -23.94
N TYR B 11 -1.09 24.61 -24.27
CA TYR B 11 -0.06 25.25 -23.47
C TYR B 11 1.27 25.21 -24.20
N SER B 12 2.18 26.07 -23.79
CA SER B 12 3.51 26.05 -24.41
C SER B 12 4.48 25.25 -23.56
N ARG B 13 5.47 24.66 -24.24
CA ARG B 13 6.52 23.92 -23.54
C ARG B 13 7.30 24.76 -22.51
N HIS B 14 7.75 25.95 -22.94
CA HIS B 14 8.43 26.96 -22.12
C HIS B 14 7.56 28.19 -21.92
N PRO B 15 7.83 29.01 -20.88
CA PRO B 15 7.09 30.25 -20.70
C PRO B 15 7.23 31.05 -21.99
N ALA B 16 6.10 31.55 -22.50
CA ALA B 16 6.09 32.22 -23.80
C ALA B 16 6.80 33.57 -23.79
N GLU B 17 7.57 33.84 -24.83
CA GLU B 17 8.14 35.17 -24.99
C GLU B 17 8.01 35.48 -26.46
N ASN B 18 7.40 36.63 -26.76
CA ASN B 18 7.19 37.01 -28.16
C ASN B 18 8.50 37.02 -28.94
N GLY B 19 8.53 36.38 -30.10
CA GLY B 19 9.76 36.38 -30.93
C GLY B 19 10.75 35.27 -30.59
N LYS B 20 10.45 34.47 -29.57
CA LYS B 20 11.30 33.35 -29.20
C LYS B 20 10.65 32.03 -29.52
N SER B 21 11.36 31.20 -30.27
CA SER B 21 10.85 29.87 -30.68
CA SER B 21 10.82 29.90 -30.67
C SER B 21 10.50 28.99 -29.46
N ASN B 22 9.47 28.18 -29.61
CA ASN B 22 8.88 27.43 -28.48
C ASN B 22 8.13 26.26 -29.15
N PHE B 23 7.34 25.53 -28.36
CA PHE B 23 6.47 24.46 -28.82
C PHE B 23 5.10 24.66 -28.28
N LEU B 24 4.09 24.51 -29.13
CA LEU B 24 2.69 24.62 -28.73
C LEU B 24 2.19 23.20 -28.64
N ASN B 25 1.61 22.91 -27.48
CA ASN B 25 1.12 21.57 -27.14
C ASN B 25 -0.37 21.56 -26.99
N CYS B 26 -1.00 20.49 -27.48
CA CYS B 26 -2.39 20.21 -27.07
C CYS B 26 -2.39 18.78 -26.54
N TYR B 27 -2.67 18.64 -25.25
CA TYR B 27 -2.58 17.35 -24.58
C TYR B 27 -4.03 16.95 -24.31
N VAL B 28 -4.41 15.76 -24.77
CA VAL B 28 -5.77 15.26 -24.58
C VAL B 28 -5.66 13.98 -23.77
N SER B 29 -6.36 13.91 -22.65
CA SER B 29 -6.19 12.71 -21.80
C SER B 29 -7.53 12.25 -21.28
N GLY B 30 -7.58 11.03 -20.76
CA GLY B 30 -8.77 10.59 -20.08
C GLY B 30 -9.92 10.16 -20.99
N PHE B 31 -9.64 9.90 -22.27
CA PHE B 31 -10.77 9.64 -23.20
C PHE B 31 -10.92 8.16 -23.54
N HIS B 32 -12.14 7.79 -23.94
CA HIS B 32 -12.39 6.40 -24.45
C HIS B 32 -13.67 6.53 -25.28
N PRO B 33 -13.73 5.95 -26.48
CA PRO B 33 -12.70 5.14 -27.19
C PRO B 33 -11.60 6.03 -27.78
N SER B 34 -10.66 5.39 -28.47
CA SER B 34 -9.46 6.10 -28.86
C SER B 34 -9.62 6.99 -30.07
N ASP B 35 -10.69 6.78 -30.87
CA ASP B 35 -10.89 7.57 -32.10
CA ASP B 35 -10.88 7.58 -32.08
C ASP B 35 -11.11 9.03 -31.67
N ILE B 36 -10.27 9.94 -32.17
CA ILE B 36 -10.30 11.36 -31.70
C ILE B 36 -9.70 12.20 -32.80
N GLU B 37 -10.25 13.40 -32.97
CA GLU B 37 -9.70 14.35 -33.97
C GLU B 37 -9.16 15.50 -33.20
N VAL B 38 -7.87 15.83 -33.37
CA VAL B 38 -7.29 16.95 -32.65
C VAL B 38 -6.54 17.83 -33.68
N ASP B 39 -6.87 19.12 -33.73
CA ASP B 39 -6.12 20.08 -34.57
C ASP B 39 -5.63 21.26 -33.78
N LEU B 40 -4.44 21.75 -34.13
CA LEU B 40 -3.98 23.00 -33.56
C LEU B 40 -4.36 24.08 -34.54
N LEU B 41 -4.83 25.22 -34.01
CA LEU B 41 -5.31 26.33 -34.83
C LEU B 41 -4.47 27.60 -34.60
N LYS B 42 -4.10 28.26 -35.67
CA LYS B 42 -3.50 29.61 -35.61
C LYS B 42 -4.46 30.57 -36.28
N ASN B 43 -4.93 31.56 -35.52
CA ASN B 43 -5.94 32.55 -35.96
C ASN B 43 -7.13 31.89 -36.64
N GLY B 44 -7.56 30.79 -36.02
CA GLY B 44 -8.67 29.96 -36.49
C GLY B 44 -8.45 29.00 -37.65
N GLU B 45 -7.23 28.96 -38.19
CA GLU B 45 -6.90 28.05 -39.29
C GLU B 45 -6.07 26.88 -38.83
N ARG B 46 -6.34 25.71 -39.42
CA ARG B 46 -5.64 24.50 -39.06
C ARG B 46 -4.14 24.60 -39.40
N ILE B 47 -3.31 24.27 -38.41
CA ILE B 47 -1.86 24.23 -38.60
C ILE B 47 -1.50 22.90 -39.25
N GLU B 48 -0.75 22.97 -40.34
CA GLU B 48 -0.30 21.75 -41.04
C GLU B 48 0.96 21.21 -40.37
N LYS B 49 1.24 19.91 -40.51
CA LYS B 49 2.53 19.27 -40.08
C LYS B 49 2.66 19.08 -38.57
N VAL B 50 1.55 19.19 -37.87
CA VAL B 50 1.49 18.98 -36.41
C VAL B 50 1.84 17.52 -36.14
N GLU B 51 2.73 17.26 -35.19
CA GLU B 51 3.05 15.88 -34.87
C GLU B 51 2.27 15.41 -33.68
N HIS B 52 2.22 14.09 -33.51
CA HIS B 52 1.61 13.58 -32.30
C HIS B 52 2.36 12.37 -31.75
N SER B 53 2.17 12.16 -30.44
CA SER B 53 2.72 11.01 -29.73
C SER B 53 1.99 9.73 -30.13
N ASP B 54 2.61 8.61 -29.84
CA ASP B 54 1.98 7.29 -30.10
C ASP B 54 0.93 6.99 -29.07
N LEU B 55 -0.17 6.37 -29.52
CA LEU B 55 -1.30 6.10 -28.63
C LEU B 55 -0.91 5.25 -27.42
N SER B 56 -1.25 5.75 -26.23
CA SER B 56 -0.98 5.03 -25.00
C SER B 56 -2.15 5.29 -24.06
N PHE B 57 -2.11 4.67 -22.89
CA PHE B 57 -3.22 4.80 -21.94
C PHE B 57 -2.77 4.66 -20.50
N SER B 58 -3.66 5.09 -19.63
CA SER B 58 -3.39 5.22 -18.21
C SER B 58 -3.83 3.98 -17.46
N LYS B 59 -3.62 3.95 -16.14
CA LYS B 59 -3.99 2.78 -15.31
C LYS B 59 -5.48 2.44 -15.38
N ASP B 60 -6.31 3.43 -15.64
CA ASP B 60 -7.78 3.25 -15.75
C ASP B 60 -8.28 2.95 -17.15
N TRP B 61 -7.32 2.67 -18.05
CA TRP B 61 -7.58 2.30 -19.47
C TRP B 61 -7.89 3.49 -20.39
N SER B 62 -8.01 4.69 -19.83
CA SER B 62 -8.28 5.84 -20.70
C SER B 62 -7.03 6.32 -21.44
N PHE B 63 -7.26 6.82 -22.64
CA PHE B 63 -6.17 7.14 -23.58
C PHE B 63 -5.62 8.53 -23.38
N TYR B 64 -4.38 8.70 -23.83
CA TYR B 64 -3.82 10.06 -23.89
C TYR B 64 -2.95 10.24 -25.12
N LEU B 65 -2.94 11.47 -25.63
CA LEU B 65 -2.12 11.84 -26.80
C LEU B 65 -1.66 13.26 -26.63
N LEU B 66 -0.44 13.52 -27.09
CA LEU B 66 0.11 14.88 -27.16
C LEU B 66 0.25 15.25 -28.64
N TYR B 67 -0.33 16.38 -29.05
CA TYR B 67 -0.16 16.97 -30.37
C TYR B 67 0.68 18.20 -30.18
N TYR B 68 1.62 18.44 -31.08
CA TYR B 68 2.59 19.51 -30.85
C TYR B 68 3.17 20.06 -32.13
N THR B 69 3.57 21.33 -32.08
CA THR B 69 4.23 21.97 -33.21
C THR B 69 5.18 23.03 -32.70
N GLU B 70 6.28 23.23 -33.42
CA GLU B 70 7.18 24.32 -33.08
C GLU B 70 6.45 25.61 -33.49
N PHE B 71 6.59 26.67 -32.72
CA PHE B 71 5.97 27.95 -33.06
C PHE B 71 6.74 29.09 -32.41
N THR B 72 6.52 30.28 -32.95
CA THR B 72 7.11 31.48 -32.34
C THR B 72 5.98 32.44 -32.00
N PRO B 73 5.66 32.59 -30.69
CA PRO B 73 4.52 33.43 -30.33
C PRO B 73 4.75 34.90 -30.65
N THR B 74 3.66 35.57 -30.97
CA THR B 74 3.69 37.00 -31.20
C THR B 74 2.57 37.57 -30.36
N GLU B 75 2.51 38.90 -30.31
CA GLU B 75 1.47 39.60 -29.58
C GLU B 75 0.08 39.33 -30.16
N LYS B 76 -0.03 39.45 -31.50
CA LYS B 76 -1.31 39.33 -32.21
C LYS B 76 -1.83 37.89 -32.44
N ASP B 77 -0.95 36.91 -32.56
CA ASP B 77 -1.42 35.58 -33.07
C ASP B 77 -2.14 34.82 -31.97
N GLU B 78 -3.32 34.30 -32.31
CA GLU B 78 -4.14 33.51 -31.40
C GLU B 78 -4.05 32.05 -31.75
N TYR B 79 -3.81 31.25 -30.72
CA TYR B 79 -3.67 29.81 -30.85
C TYR B 79 -4.75 29.07 -30.09
N ALA B 80 -5.14 27.90 -30.61
CA ALA B 80 -6.19 27.10 -29.96
C ALA B 80 -6.04 25.65 -30.33
N CYS B 81 -6.74 24.77 -29.62
CA CYS B 81 -6.82 23.38 -30.04
C CYS B 81 -8.28 23.00 -30.21
N ARG B 82 -8.61 22.32 -31.32
CA ARG B 82 -9.97 21.91 -31.65
C ARG B 82 -10.05 20.39 -31.58
N VAL B 83 -11.00 19.89 -30.81
CA VAL B 83 -11.04 18.45 -30.55
C VAL B 83 -12.44 17.93 -30.86
N ASN B 84 -12.51 16.81 -31.57
CA ASN B 84 -13.81 16.11 -31.72
C ASN B 84 -13.66 14.67 -31.27
N HIS B 85 -14.74 14.16 -30.68
CA HIS B 85 -14.75 12.86 -30.05
C HIS B 85 -16.23 12.50 -29.89
N VAL B 86 -16.53 11.21 -29.77
CA VAL B 86 -17.95 10.77 -29.68
C VAL B 86 -18.67 11.40 -28.48
N THR B 87 -17.92 11.71 -27.41
CA THR B 87 -18.54 12.31 -26.22
C THR B 87 -18.91 13.78 -26.34
N LEU B 88 -18.46 14.43 -27.42
CA LEU B 88 -18.68 15.87 -27.66
C LEU B 88 -19.71 16.09 -28.72
N SER B 89 -20.75 16.85 -28.41
CA SER B 89 -21.84 16.96 -29.38
C SER B 89 -21.45 17.84 -30.58
N GLN B 90 -20.45 18.71 -30.37
CA GLN B 90 -19.83 19.49 -31.44
C GLN B 90 -18.33 19.52 -31.16
N PRO B 91 -17.48 19.83 -32.17
CA PRO B 91 -16.07 20.06 -31.77
C PRO B 91 -15.88 21.17 -30.73
N LYS B 92 -14.92 20.93 -29.85
CA LYS B 92 -14.65 21.80 -28.72
C LYS B 92 -13.36 22.55 -28.98
N ILE B 93 -13.37 23.87 -28.83
CA ILE B 93 -12.17 24.67 -29.03
C ILE B 93 -11.69 25.21 -27.70
N VAL B 94 -10.44 24.90 -27.33
CA VAL B 94 -9.83 25.50 -26.16
C VAL B 94 -8.75 26.50 -26.63
N LYS B 95 -8.87 27.76 -26.23
CA LYS B 95 -7.86 28.80 -26.57
C LYS B 95 -6.61 28.72 -25.70
N TRP B 96 -5.44 28.97 -26.30
CA TRP B 96 -4.21 29.10 -25.53
C TRP B 96 -4.25 30.42 -24.76
N ASP B 97 -4.06 30.32 -23.43
CA ASP B 97 -4.08 31.49 -22.58
C ASP B 97 -2.70 31.51 -21.95
N ARG B 98 -1.85 32.43 -22.37
CA ARG B 98 -0.47 32.44 -21.90
C ARG B 98 -0.33 33.09 -20.50
N ASP B 99 -1.42 33.56 -19.90
CA ASP B 99 -1.31 34.29 -18.62
C ASP B 99 -1.84 33.48 -17.43
N MET B 100 -1.91 32.16 -17.58
CA MET B 100 -2.37 31.28 -16.50
C MET B 100 -1.30 31.09 -15.41
N LEU C 1 12.30 -5.29 -23.13
CA LEU C 1 12.12 -6.54 -23.98
C LEU C 1 10.76 -7.19 -23.67
N GLY C 2 9.93 -7.38 -24.71
CA GLY C 2 8.56 -7.85 -24.50
C GLY C 2 8.48 -9.35 -24.34
N TYR C 3 7.33 -9.85 -23.85
CA TYR C 3 7.27 -11.33 -23.82
C TYR C 3 6.93 -11.87 -25.20
N GLY C 4 7.33 -13.12 -25.42
CA GLY C 4 7.31 -13.73 -26.73
C GLY C 4 6.35 -14.88 -26.93
N PHE C 5 5.65 -15.29 -25.87
CA PHE C 5 4.66 -16.38 -25.98
C PHE C 5 3.37 -15.64 -26.36
N VAL C 6 2.41 -16.32 -26.95
CA VAL C 6 1.17 -15.65 -27.31
C VAL C 6 0.02 -16.39 -26.65
N ASN C 7 -1.10 -15.69 -26.50
CA ASN C 7 -2.31 -16.34 -26.01
C ASN C 7 -3.51 -15.64 -26.58
N TYR C 8 -4.62 -16.34 -26.57
CA TYR C 8 -5.86 -15.79 -27.12
C TYR C 8 -6.88 -15.73 -26.01
N ILE C 9 -7.66 -14.67 -25.99
CA ILE C 9 -8.84 -14.50 -25.12
C ILE C 9 -9.87 -15.63 -25.43
N GLY D 1 -2.03 -8.40 -0.86
CA GLY D 1 -2.87 -7.27 -0.36
C GLY D 1 -2.02 -6.25 0.37
N SER D 2 -2.58 -5.69 1.44
CA SER D 2 -1.92 -4.66 2.27
C SER D 2 -0.86 -5.24 3.24
N HIS D 3 0.16 -4.44 3.60
CA HIS D 3 1.17 -4.88 4.56
C HIS D 3 1.56 -3.76 5.50
N SER D 4 2.11 -4.10 6.66
CA SER D 4 2.52 -3.09 7.63
C SER D 4 3.90 -3.37 8.20
N MET D 5 4.60 -2.31 8.57
CA MET D 5 5.76 -2.41 9.46
C MET D 5 5.47 -1.57 10.68
N ARG D 6 5.73 -2.13 11.85
CA ARG D 6 5.46 -1.41 13.11
C ARG D 6 6.58 -1.61 14.11
N TYR D 7 6.91 -0.55 14.86
CA TYR D 7 7.78 -0.68 16.01
C TYR D 7 6.99 -0.31 17.24
N PHE D 8 7.32 -0.97 18.33
CA PHE D 8 6.60 -0.84 19.58
C PHE D 8 7.66 -0.65 20.67
N PHE D 9 7.56 0.44 21.42
CA PHE D 9 8.52 0.65 22.52
C PHE D 9 7.75 0.70 23.84
N THR D 10 8.31 0.08 24.88
CA THR D 10 7.74 0.16 26.23
C THR D 10 8.86 0.53 27.18
N SER D 11 8.68 1.59 27.97
CA SER D 11 9.64 1.85 29.05
C SER D 11 8.94 1.99 30.39
N VAL D 12 9.47 1.35 31.41
CA VAL D 12 8.79 1.26 32.68
C VAL D 12 9.74 1.71 33.78
N SER D 13 9.37 2.74 34.54
CA SER D 13 10.22 3.14 35.65
C SER D 13 10.11 2.18 36.84
N ARG D 14 11.19 2.10 37.59
CA ARG D 14 11.21 1.24 38.75
C ARG D 14 12.05 1.90 39.85
N PRO D 15 11.51 2.95 40.46
CA PRO D 15 12.36 3.76 41.33
C PRO D 15 12.97 2.95 42.48
N GLY D 16 14.29 3.02 42.57
CA GLY D 16 15.05 2.18 43.51
C GLY D 16 15.58 0.84 43.03
N ARG D 17 15.12 0.36 41.89
CA ARG D 17 15.43 -0.95 41.39
C ARG D 17 16.10 -0.83 40.05
N GLY D 18 16.65 0.34 39.77
CA GLY D 18 17.42 0.53 38.56
C GLY D 18 16.87 1.62 37.68
N GLU D 19 17.55 1.81 36.54
CA GLU D 19 17.09 2.71 35.52
C GLU D 19 15.85 2.05 34.84
N PRO D 20 15.02 2.85 34.16
CA PRO D 20 13.85 2.21 33.54
C PRO D 20 14.19 1.08 32.59
N ARG D 21 13.33 0.06 32.54
CA ARG D 21 13.56 -0.97 31.55
C ARG D 21 12.93 -0.58 30.25
N PHE D 22 13.69 -0.66 29.16
CA PHE D 22 13.15 -0.33 27.86
C PHE D 22 13.17 -1.57 26.98
N ILE D 23 12.04 -1.84 26.33
CA ILE D 23 11.93 -3.01 25.41
C ILE D 23 11.40 -2.51 24.09
N ALA D 24 12.07 -2.81 22.98
CA ALA D 24 11.60 -2.43 21.63
C ALA D 24 11.43 -3.71 20.84
N VAL D 25 10.34 -3.76 20.08
CA VAL D 25 10.12 -4.87 19.14
C VAL D 25 9.66 -4.30 17.82
N GLY D 26 10.04 -4.97 16.73
CA GLY D 26 9.60 -4.59 15.39
C GLY D 26 8.89 -5.79 14.72
N TYR D 27 7.84 -5.48 13.98
CA TYR D 27 7.02 -6.48 13.28
C TYR D 27 6.80 -6.10 11.83
N VAL D 28 6.69 -7.10 10.95
CA VAL D 28 6.14 -6.84 9.63
C VAL D 28 4.84 -7.64 9.65
N ASP D 29 3.68 -6.98 9.45
CA ASP D 29 2.37 -7.67 9.59
C ASP D 29 2.35 -8.34 10.99
N ASP D 30 2.06 -9.66 11.04
CA ASP D 30 2.01 -10.35 12.34
C ASP D 30 3.26 -11.14 12.68
N THR D 31 4.38 -10.78 12.06
CA THR D 31 5.61 -11.53 12.23
C THR D 31 6.68 -10.63 12.82
N GLN D 32 7.15 -11.01 14.02
CA GLN D 32 8.19 -10.23 14.69
C GLN D 32 9.52 -10.44 13.99
N PHE D 33 10.29 -9.38 13.87
CA PHE D 33 11.64 -9.55 13.29
C PHE D 33 12.86 -9.00 14.07
N VAL D 34 12.67 -8.10 15.02
CA VAL D 34 13.79 -7.61 15.84
C VAL D 34 13.33 -7.36 17.28
N ARG D 35 14.30 -7.35 18.18
CA ARG D 35 14.06 -6.90 19.56
C ARG D 35 15.28 -6.17 20.13
N PHE D 36 15.03 -5.34 21.14
CA PHE D 36 16.04 -4.77 21.99
C PHE D 36 15.49 -4.77 23.42
N ASP D 37 16.32 -5.23 24.36
CA ASP D 37 15.95 -5.18 25.79
C ASP D 37 17.07 -4.50 26.53
N SER D 38 16.79 -3.34 27.13
CA SER D 38 17.83 -2.60 27.89
C SER D 38 18.47 -3.36 29.07
N ASP D 39 17.78 -4.35 29.63
CA ASP D 39 18.35 -5.20 30.67
C ASP D 39 19.23 -6.36 30.23
N ALA D 40 19.13 -6.75 28.95
CA ALA D 40 19.81 -7.95 28.42
C ALA D 40 21.31 -7.73 28.27
N ALA D 41 22.06 -8.85 28.20
CA ALA D 41 23.52 -8.87 28.19
C ALA D 41 24.10 -8.21 26.96
N SER D 42 23.44 -8.45 25.83
CA SER D 42 24.05 -8.13 24.53
C SER D 42 24.16 -6.66 24.25
N GLN D 43 23.23 -5.86 24.77
CA GLN D 43 23.11 -4.46 24.41
C GLN D 43 23.06 -4.23 22.89
N ARG D 44 22.40 -5.13 22.17
CA ARG D 44 22.32 -5.04 20.72
C ARG D 44 20.88 -5.22 20.31
N MET D 45 20.52 -4.60 19.19
CA MET D 45 19.30 -4.98 18.46
C MET D 45 19.56 -6.39 17.94
N GLU D 46 18.59 -7.30 18.17
CA GLU D 46 18.79 -8.74 17.84
C GLU D 46 17.76 -9.23 16.83
N PRO D 47 18.17 -10.15 15.94
CA PRO D 47 17.24 -10.75 14.99
C PRO D 47 16.25 -11.65 15.69
N ARG D 48 15.00 -11.63 15.21
CA ARG D 48 13.95 -12.52 15.71
C ARG D 48 13.13 -13.18 14.59
N ALA D 49 13.62 -13.07 13.36
CA ALA D 49 13.06 -13.75 12.20
C ALA D 49 14.23 -14.23 11.36
N PRO D 50 14.09 -15.38 10.70
CA PRO D 50 15.24 -15.86 9.92
C PRO D 50 15.61 -14.93 8.76
N TRP D 51 14.65 -14.22 8.19
CA TRP D 51 14.93 -13.45 6.98
C TRP D 51 15.64 -12.10 7.22
N ILE D 52 15.71 -11.70 8.48
CA ILE D 52 16.43 -10.48 8.82
C ILE D 52 17.87 -10.76 9.14
N GLU D 53 18.21 -12.04 9.42
CA GLU D 53 19.59 -12.40 9.77
C GLU D 53 20.64 -12.06 8.74
N GLN D 54 20.26 -12.08 7.46
CA GLN D 54 21.13 -11.69 6.37
C GLN D 54 21.53 -10.21 6.26
N GLU D 55 20.90 -9.32 7.05
CA GLU D 55 21.34 -7.94 7.07
C GLU D 55 22.76 -7.81 7.59
N GLY D 56 23.50 -6.86 7.03
CA GLY D 56 24.92 -6.75 7.31
C GLY D 56 25.27 -6.03 8.59
N PRO D 57 26.56 -5.90 8.87
CA PRO D 57 26.97 -5.30 10.15
C PRO D 57 26.59 -3.83 10.30
N GLU D 58 26.55 -3.10 9.18
CA GLU D 58 26.14 -1.70 9.23
C GLU D 58 24.68 -1.62 9.68
N TYR D 59 23.86 -2.59 9.28
CA TYR D 59 22.47 -2.61 9.68
C TYR D 59 22.39 -2.79 11.18
N TRP D 60 23.05 -3.83 11.71
CA TRP D 60 22.92 -4.15 13.13
C TRP D 60 23.53 -3.07 14.01
N ASP D 61 24.65 -2.48 13.58
CA ASP D 61 25.26 -1.36 14.30
C ASP D 61 24.36 -0.13 14.35
N GLY D 62 23.78 0.21 13.20
CA GLY D 62 22.92 1.38 13.06
C GLY D 62 21.62 1.21 13.83
N GLU D 63 21.01 0.04 13.71
CA GLU D 63 19.78 -0.27 14.47
C GLU D 63 20.03 -0.26 15.99
N THR D 64 21.18 -0.76 16.43
CA THR D 64 21.53 -0.75 17.83
C THR D 64 21.70 0.69 18.33
N ARG D 65 22.46 1.51 17.59
CA ARG D 65 22.68 2.91 17.96
C ARG D 65 21.36 3.67 18.05
N LYS D 66 20.46 3.46 17.08
CA LYS D 66 19.22 4.21 17.09
C LYS D 66 18.36 3.78 18.27
N VAL D 67 18.22 2.48 18.50
CA VAL D 67 17.32 2.03 19.56
C VAL D 67 17.87 2.36 20.99
N LYS D 68 19.20 2.35 21.16
CA LYS D 68 19.80 2.82 22.43
C LYS D 68 19.49 4.29 22.64
N ALA D 69 19.55 5.08 21.55
CA ALA D 69 19.17 6.52 21.68
C ALA D 69 17.72 6.68 22.11
N HIS D 70 16.81 5.89 21.54
CA HIS D 70 15.40 5.95 21.97
C HIS D 70 15.20 5.47 23.41
N SER D 71 15.96 4.46 23.82
CA SER D 71 15.95 4.00 25.21
CA SER D 71 15.93 4.00 25.22
C SER D 71 16.25 5.16 26.13
N GLN D 72 17.27 5.96 25.78
CA GLN D 72 17.66 7.10 26.61
C GLN D 72 16.58 8.19 26.62
N THR D 73 15.99 8.50 25.47
CA THR D 73 14.98 9.58 25.46
C THR D 73 13.72 9.21 26.25
N HIS D 74 13.31 7.93 26.21
CA HIS D 74 12.12 7.46 26.95
C HIS D 74 12.38 7.45 28.45
N ARG D 75 13.64 7.26 28.83
CA ARG D 75 14.03 7.40 30.23
C ARG D 75 13.83 8.86 30.67
N VAL D 76 14.29 9.78 29.86
CA VAL D 76 14.08 11.23 30.13
C VAL D 76 12.57 11.53 30.15
N ASP D 77 11.83 10.98 29.18
CA ASP D 77 10.37 11.19 29.16
C ASP D 77 9.64 10.76 30.47
N LEU D 78 10.07 9.65 31.08
CA LEU D 78 9.43 9.25 32.35
C LEU D 78 9.60 10.33 33.45
N GLY D 79 10.77 10.97 33.51
CA GLY D 79 11.00 12.10 34.39
C GLY D 79 10.12 13.29 34.02
N THR D 80 10.06 13.62 32.73
CA THR D 80 9.26 14.76 32.23
C THR D 80 7.81 14.61 32.59
N LEU D 81 7.26 13.41 32.38
CA LEU D 81 5.83 13.16 32.62
C LEU D 81 5.49 13.18 34.12
N ARG D 82 6.38 12.68 34.98
CA ARG D 82 6.16 12.81 36.40
CA ARG D 82 6.22 12.85 36.43
C ARG D 82 6.04 14.32 36.77
N GLY D 83 6.86 15.17 36.14
CA GLY D 83 6.78 16.64 36.27
C GLY D 83 5.46 17.20 35.78
N TYR D 84 5.08 16.81 34.56
CA TYR D 84 3.84 17.35 33.96
C TYR D 84 2.60 16.98 34.81
N TYR D 85 2.61 15.79 35.43
CA TYR D 85 1.45 15.33 36.18
C TYR D 85 1.61 15.48 37.69
N ASN D 86 2.70 16.15 38.14
CA ASN D 86 2.97 16.32 39.58
CA ASN D 86 2.96 16.33 39.59
C ASN D 86 2.88 15.02 40.36
N GLN D 87 3.57 14.01 39.85
CA GLN D 87 3.50 12.70 40.49
C GLN D 87 4.71 12.46 41.36
N SER D 88 4.54 11.55 42.32
CA SER D 88 5.63 11.28 43.26
CA SER D 88 5.60 11.23 43.26
C SER D 88 6.76 10.47 42.60
N GLU D 89 7.94 10.57 43.22
CA GLU D 89 9.15 9.83 42.85
C GLU D 89 9.01 8.30 43.00
N ALA D 90 8.14 7.86 43.89
CA ALA D 90 8.14 6.48 44.35
C ALA D 90 7.39 5.53 43.42
N GLY D 91 6.49 6.05 42.58
CA GLY D 91 5.64 5.17 41.77
C GLY D 91 6.30 4.68 40.49
N SER D 92 5.90 3.47 40.06
CA SER D 92 6.27 2.96 38.74
C SER D 92 5.29 3.49 37.68
N HIS D 93 5.82 3.97 36.56
CA HIS D 93 5.01 4.48 35.45
C HIS D 93 5.47 3.90 34.13
N THR D 94 4.59 3.95 33.11
CA THR D 94 4.87 3.31 31.83
C THR D 94 4.70 4.32 30.70
N VAL D 95 5.69 4.37 29.79
CA VAL D 95 5.55 5.02 28.49
C VAL D 95 5.56 3.99 27.40
N GLN D 96 4.70 4.18 26.43
CA GLN D 96 4.63 3.37 25.21
C GLN D 96 4.62 4.21 23.99
N ARG D 97 5.33 3.80 22.96
CA ARG D 97 5.24 4.49 21.67
C ARG D 97 5.08 3.42 20.59
N MET D 98 4.31 3.72 19.56
CA MET D 98 4.13 2.80 18.45
C MET D 98 4.15 3.62 17.20
N TYR D 99 4.87 3.13 16.19
CA TYR D 99 4.84 3.85 14.91
C TYR D 99 5.03 2.89 13.77
N GLY D 100 4.68 3.37 12.60
CA GLY D 100 4.94 2.55 11.40
C GLY D 100 4.15 2.96 10.20
N CYS D 101 4.22 2.12 9.17
CA CYS D 101 3.59 2.46 7.90
C CYS D 101 2.89 1.26 7.33
N ASP D 102 1.85 1.55 6.54
CA ASP D 102 1.17 0.56 5.72
C ASP D 102 1.42 0.84 4.24
N VAL D 103 1.50 -0.25 3.48
CA VAL D 103 1.45 -0.16 2.02
C VAL D 103 0.25 -0.91 1.49
N GLY D 104 -0.24 -0.47 0.33
CA GLY D 104 -1.34 -1.15 -0.34
C GLY D 104 -0.85 -2.17 -1.35
N SER D 105 -1.78 -2.62 -2.18
CA SER D 105 -1.53 -3.69 -3.15
C SER D 105 -0.57 -3.30 -4.25
N ASP D 106 -0.51 -1.99 -4.55
CA ASP D 106 0.46 -1.44 -5.48
C ASP D 106 1.87 -1.25 -4.89
N TRP D 107 2.07 -1.76 -3.65
CA TRP D 107 3.29 -1.61 -2.80
C TRP D 107 3.66 -0.15 -2.46
N ARG D 108 2.72 0.77 -2.64
CA ARG D 108 2.96 2.19 -2.35
C ARG D 108 2.34 2.55 -1.02
N PHE D 109 2.85 3.64 -0.46
CA PHE D 109 2.42 4.16 0.85
C PHE D 109 0.91 4.31 0.90
N LEU D 110 0.35 3.75 1.96
CA LEU D 110 -1.06 3.85 2.26
C LEU D 110 -1.39 4.78 3.44
N ARG D 111 -0.72 4.53 4.56
CA ARG D 111 -1.04 5.22 5.84
C ARG D 111 0.20 5.18 6.70
N GLY D 112 0.38 6.23 7.50
CA GLY D 112 1.43 6.23 8.49
C GLY D 112 0.86 6.54 9.85
N TYR D 113 1.59 6.16 10.90
CA TYR D 113 1.09 6.39 12.27
C TYR D 113 2.22 6.50 13.27
N HIS D 114 1.95 7.21 14.35
CA HIS D 114 2.96 7.40 15.37
C HIS D 114 2.17 7.89 16.58
N GLN D 115 2.13 7.09 17.64
CA GLN D 115 1.23 7.35 18.78
C GLN D 115 2.04 7.08 20.07
N TYR D 116 1.70 7.76 21.16
CA TYR D 116 2.36 7.63 22.44
C TYR D 116 1.31 7.50 23.53
N ALA D 117 1.61 6.70 24.56
CA ALA D 117 0.71 6.56 25.71
C ALA D 117 1.47 6.66 27.00
N TYR D 118 0.81 7.22 28.02
CA TYR D 118 1.40 7.28 29.36
C TYR D 118 0.47 6.56 30.31
N ASP D 119 1.02 5.56 31.03
CA ASP D 119 0.22 4.72 31.97
C ASP D 119 -1.05 4.15 31.33
N GLY D 120 -0.88 3.69 30.09
CA GLY D 120 -1.91 2.94 29.39
C GLY D 120 -3.01 3.73 28.73
N LYS D 121 -2.90 5.04 28.74
CA LYS D 121 -3.88 5.98 28.18
C LYS D 121 -3.24 6.72 27.01
N ASP D 122 -4.02 6.97 25.94
CA ASP D 122 -3.52 7.84 24.84
C ASP D 122 -2.95 9.14 25.41
N TYR D 123 -1.78 9.52 24.91
CA TYR D 123 -1.15 10.75 25.30
C TYR D 123 -1.11 11.71 24.09
N ILE D 124 -0.34 11.35 23.07
CA ILE D 124 -0.34 12.20 21.86
C ILE D 124 -0.24 11.30 20.66
N ALA D 125 -0.90 11.69 19.56
CA ALA D 125 -0.89 10.87 18.32
C ALA D 125 -0.82 11.76 17.12
N LEU D 126 -0.02 11.32 16.16
CA LEU D 126 -0.01 11.96 14.83
C LEU D 126 -1.27 11.60 14.10
N LYS D 127 -1.96 12.60 13.54
CA LYS D 127 -3.18 12.37 12.78
C LYS D 127 -2.82 11.79 11.41
N GLU D 128 -3.83 11.25 10.70
CA GLU D 128 -3.60 10.55 9.43
C GLU D 128 -3.00 11.47 8.36
N ASP D 129 -3.20 12.78 8.52
CA ASP D 129 -2.68 13.75 7.55
C ASP D 129 -1.17 13.94 7.68
N LEU D 130 -0.65 13.39 8.77
CA LEU D 130 0.77 13.36 9.11
C LEU D 130 1.33 14.78 9.34
N ARG D 131 0.45 15.73 9.68
CA ARG D 131 0.96 17.09 9.88
C ARG D 131 0.33 17.75 11.10
N SER D 132 -0.55 17.04 11.80
CA SER D 132 -1.21 17.58 13.02
C SER D 132 -1.29 16.52 14.12
N TRP D 133 -1.55 16.96 15.34
CA TRP D 133 -1.46 16.13 16.52
C TRP D 133 -2.77 16.09 17.27
N THR D 134 -3.09 14.93 17.84
CA THR D 134 -4.24 14.79 18.76
C THR D 134 -3.66 14.66 20.13
N ALA D 135 -3.97 15.64 21.00
CA ALA D 135 -3.42 15.63 22.35
C ALA D 135 -4.56 16.04 23.27
N ALA D 136 -5.24 15.10 23.92
N ALA D 136 -5.23 15.05 23.83
CA ALA D 136 -6.41 15.46 24.79
CA ALA D 136 -6.38 15.27 24.69
C ALA D 136 -6.02 16.12 26.09
C ALA D 136 -6.08 14.94 26.13
N ASP D 137 -5.05 15.51 26.79
N ASP D 137 -4.97 15.47 26.62
CA ASP D 137 -4.73 16.00 28.10
CA ASP D 137 -5.03 16.14 27.92
C ASP D 137 -4.09 17.37 27.95
N MET D 138 -4.17 18.16 29.03
CA MET D 138 -3.41 19.42 29.03
C MET D 138 -1.88 19.19 29.00
N ALA D 139 -1.41 18.15 29.69
CA ALA D 139 0.01 17.82 29.65
C ALA D 139 0.46 17.50 28.23
N ALA D 140 -0.37 16.74 27.51
CA ALA D 140 -0.05 16.42 26.11
C ALA D 140 -0.08 17.63 25.20
N GLN D 141 -0.85 18.67 25.56
CA GLN D 141 -0.79 19.92 24.82
C GLN D 141 0.60 20.60 24.94
N THR D 142 1.20 20.53 26.13
CA THR D 142 2.57 21.04 26.32
C THR D 142 3.54 20.33 25.36
N THR D 143 3.42 18.99 25.25
CA THR D 143 4.26 18.26 24.30
C THR D 143 3.93 18.68 22.88
N LYS D 144 2.65 18.81 22.57
CA LYS D 144 2.25 19.31 21.24
C LYS D 144 2.88 20.65 20.87
N HIS D 145 2.89 21.62 21.79
CA HIS D 145 3.50 22.93 21.51
C HIS D 145 5.00 22.75 21.19
N LYS D 146 5.65 21.91 22.00
CA LYS D 146 7.12 21.69 21.81
C LYS D 146 7.40 20.96 20.47
N TRP D 147 6.55 20.02 20.12
CA TRP D 147 6.73 19.26 18.86
C TRP D 147 6.34 20.08 17.63
N GLU D 148 5.40 21.04 17.79
CA GLU D 148 5.06 21.92 16.70
C GLU D 148 6.23 22.88 16.47
N ALA D 149 6.77 23.42 17.56
CA ALA D 149 7.88 24.39 17.40
C ALA D 149 9.15 23.72 16.79
N ALA D 150 9.35 22.44 17.10
CA ALA D 150 10.51 21.66 16.63
C ALA D 150 10.26 20.94 15.30
N HIS D 151 9.05 21.09 14.72
CA HIS D 151 8.74 20.46 13.42
C HIS D 151 8.90 18.94 13.39
N VAL D 152 8.46 18.31 14.51
CA VAL D 152 8.53 16.86 14.66
C VAL D 152 7.68 16.14 13.60
N ALA D 153 6.50 16.67 13.33
CA ALA D 153 5.59 15.98 12.37
C ALA D 153 6.22 15.85 11.01
N GLU D 154 6.92 16.91 10.55
CA GLU D 154 7.60 16.89 9.25
C GLU D 154 8.67 15.79 9.16
N GLN D 155 9.46 15.63 10.23
CA GLN D 155 10.49 14.60 10.26
C GLN D 155 9.84 13.23 10.18
N LEU D 156 8.79 13.01 10.99
CA LEU D 156 8.03 11.74 10.95
C LEU D 156 7.43 11.47 9.56
N ARG D 157 6.76 12.45 8.99
CA ARG D 157 6.15 12.28 7.66
C ARG D 157 7.16 11.82 6.61
N ALA D 158 8.34 12.43 6.59
CA ALA D 158 9.38 12.01 5.65
C ALA D 158 9.84 10.57 5.85
N TYR D 159 9.93 10.15 7.11
CA TYR D 159 10.29 8.75 7.43
C TYR D 159 9.19 7.80 7.02
N LEU D 160 7.96 8.16 7.39
CA LEU D 160 6.85 7.22 7.24
C LEU D 160 6.47 7.00 5.78
N GLU D 161 6.58 8.03 4.95
CA GLU D 161 6.26 7.89 3.53
C GLU D 161 7.44 7.41 2.70
N GLY D 162 8.64 7.52 3.27
CA GLY D 162 9.88 7.22 2.52
C GLY D 162 10.56 5.95 3.03
N THR D 163 11.53 6.15 3.90
CA THR D 163 12.35 5.08 4.51
C THR D 163 11.55 3.90 5.00
N CYS D 164 10.48 4.17 5.76
CA CYS D 164 9.62 3.11 6.30
C CYS D 164 9.11 2.20 5.18
N VAL D 165 8.59 2.83 4.12
CA VAL D 165 8.04 2.08 3.01
C VAL D 165 9.14 1.30 2.26
N GLU D 166 10.28 1.94 2.03
CA GLU D 166 11.41 1.29 1.31
C GLU D 166 11.89 0.04 2.03
N TRP D 167 12.00 0.11 3.36
CA TRP D 167 12.48 -1.03 4.10
C TRP D 167 11.41 -2.12 4.29
N LEU D 168 10.14 -1.73 4.39
CA LEU D 168 9.03 -2.69 4.42
C LEU D 168 9.06 -3.51 3.13
N ARG D 169 9.25 -2.87 2.00
CA ARG D 169 9.26 -3.56 0.70
C ARG D 169 10.46 -4.50 0.61
N ARG D 170 11.59 -4.08 1.15
CA ARG D 170 12.81 -4.91 1.16
C ARG D 170 12.55 -6.16 1.99
N TYR D 171 11.94 -5.99 3.17
CA TYR D 171 11.68 -7.14 4.07
C TYR D 171 10.64 -8.12 3.47
N LEU D 172 9.60 -7.56 2.86
CA LEU D 172 8.61 -8.36 2.13
C LEU D 172 9.20 -9.23 1.01
N GLU D 173 10.22 -8.72 0.31
CA GLU D 173 10.94 -9.52 -0.70
C GLU D 173 11.86 -10.57 -0.06
N ASN D 174 12.71 -10.14 0.87
CA ASN D 174 13.64 -11.04 1.56
C ASN D 174 12.99 -12.16 2.36
N GLY D 175 11.87 -11.83 2.99
CA GLY D 175 11.06 -12.80 3.75
C GLY D 175 9.81 -13.26 3.04
N LYS D 176 9.83 -13.25 1.70
CA LYS D 176 8.61 -13.53 0.88
C LYS D 176 7.90 -14.82 1.25
N GLU D 177 8.66 -15.88 1.51
CA GLU D 177 8.08 -17.20 1.80
C GLU D 177 7.23 -17.18 3.10
N THR D 178 7.68 -16.41 4.08
CA THR D 178 7.00 -16.18 5.38
C THR D 178 5.93 -15.10 5.29
N LEU D 179 6.30 -13.96 4.71
CA LEU D 179 5.46 -12.79 4.81
C LEU D 179 4.41 -12.68 3.73
N GLN D 180 4.72 -13.16 2.52
CA GLN D 180 3.75 -13.12 1.44
C GLN D 180 3.10 -14.50 1.35
N ARG D 181 2.41 -14.86 2.40
CA ARG D 181 1.71 -16.10 2.42
C ARG D 181 0.38 -15.92 3.14
N THR D 182 -0.53 -16.81 2.80
CA THR D 182 -1.78 -16.84 3.51
CA THR D 182 -1.86 -16.86 3.44
C THR D 182 -2.06 -18.29 3.87
N ASP D 183 -2.32 -18.55 5.16
CA ASP D 183 -2.66 -19.92 5.56
C ASP D 183 -4.11 -19.88 5.97
N ALA D 184 -4.97 -20.52 5.18
CA ALA D 184 -6.42 -20.56 5.51
C ALA D 184 -6.64 -21.35 6.81
N PRO D 185 -7.62 -20.95 7.65
CA PRO D 185 -7.89 -21.68 8.90
C PRO D 185 -8.48 -23.09 8.63
N LYS D 186 -8.00 -24.05 9.45
CA LYS D 186 -8.63 -25.39 9.47
C LYS D 186 -9.70 -25.28 10.55
N THR D 187 -10.95 -25.50 10.15
CA THR D 187 -12.09 -25.22 11.02
C THR D 187 -12.81 -26.49 11.41
N HIS D 188 -13.41 -26.45 12.61
CA HIS D 188 -14.33 -27.52 13.09
C HIS D 188 -15.11 -26.97 14.27
N MET D 189 -16.16 -27.66 14.68
CA MET D 189 -16.86 -27.25 15.89
C MET D 189 -16.85 -28.42 16.86
N THR D 190 -16.84 -28.15 18.17
CA THR D 190 -16.92 -29.20 19.17
C THR D 190 -18.22 -29.03 19.98
N HIS D 191 -18.68 -30.13 20.53
CA HIS D 191 -19.97 -30.16 21.28
C HIS D 191 -19.71 -30.88 22.58
N HIS D 192 -20.05 -30.27 23.73
CA HIS D 192 -19.91 -30.95 25.02
C HIS D 192 -21.06 -30.57 25.94
N ALA D 193 -21.70 -31.55 26.52
CA ALA D 193 -22.81 -31.28 27.41
C ALA D 193 -22.26 -30.57 28.65
N VAL D 194 -22.94 -29.53 29.12
CA VAL D 194 -22.59 -28.99 30.44
C VAL D 194 -23.53 -29.44 31.53
N SER D 195 -24.69 -29.97 31.12
CA SER D 195 -25.65 -30.62 32.02
C SER D 195 -26.54 -31.51 31.17
N ASP D 196 -27.59 -32.08 31.77
CA ASP D 196 -28.54 -32.84 30.94
C ASP D 196 -29.42 -31.96 30.02
N HIS D 197 -29.32 -30.62 30.17
CA HIS D 197 -30.17 -29.77 29.34
C HIS D 197 -29.45 -28.68 28.56
N GLU D 198 -28.13 -28.53 28.75
CA GLU D 198 -27.39 -27.56 27.97
C GLU D 198 -26.09 -28.10 27.40
N ALA D 199 -25.62 -27.50 26.30
CA ALA D 199 -24.39 -27.93 25.68
C ALA D 199 -23.54 -26.73 25.24
N THR D 200 -22.23 -26.84 25.35
CA THR D 200 -21.32 -25.82 24.80
C THR D 200 -21.03 -26.18 23.36
N LEU D 201 -21.22 -25.22 22.47
CA LEU D 201 -20.81 -25.37 21.05
C LEU D 201 -19.62 -24.45 20.86
N ARG D 202 -18.49 -24.99 20.42
CA ARG D 202 -17.28 -24.14 20.25
C ARG D 202 -16.83 -24.26 18.83
N CYS D 203 -16.73 -23.11 18.17
CA CYS D 203 -16.29 -23.03 16.79
C CYS D 203 -14.80 -22.69 16.79
N TRP D 204 -14.00 -23.57 16.17
CA TRP D 204 -12.55 -23.43 16.13
C TRP D 204 -11.99 -23.03 14.76
N ALA D 205 -10.97 -22.17 14.82
CA ALA D 205 -10.13 -21.87 13.66
C ALA D 205 -8.67 -22.08 14.07
N LEU D 206 -7.96 -22.94 13.33
CA LEU D 206 -6.59 -23.28 13.68
C LEU D 206 -5.68 -23.09 12.50
N SER D 207 -4.41 -22.87 12.82
CA SER D 207 -3.33 -22.91 11.83
CA SER D 207 -3.31 -22.88 11.85
C SER D 207 -3.42 -21.82 10.75
N PHE D 208 -3.96 -20.65 11.11
CA PHE D 208 -4.11 -19.61 10.11
C PHE D 208 -3.09 -18.47 10.18
N TYR D 209 -2.93 -17.78 9.06
CA TYR D 209 -2.05 -16.61 8.94
C TYR D 209 -2.53 -15.77 7.75
N PRO D 210 -2.62 -14.42 7.89
CA PRO D 210 -2.34 -13.54 9.07
C PRO D 210 -3.40 -13.69 10.17
N ALA D 211 -3.24 -12.95 11.26
CA ALA D 211 -4.04 -13.15 12.47
C ALA D 211 -5.47 -12.67 12.34
N GLU D 212 -5.71 -11.72 11.41
CA GLU D 212 -7.08 -11.16 11.24
C GLU D 212 -8.05 -12.25 10.87
N ILE D 213 -9.15 -12.35 11.64
CA ILE D 213 -10.13 -13.41 11.39
C ILE D 213 -11.45 -12.99 12.06
N THR D 214 -12.58 -13.45 11.52
CA THR D 214 -13.85 -13.22 12.19
C THR D 214 -14.57 -14.56 12.37
N LEU D 215 -15.02 -14.83 13.58
CA LEU D 215 -15.83 -15.99 13.87
C LEU D 215 -17.14 -15.51 14.48
N THR D 216 -18.26 -15.98 13.96
CA THR D 216 -19.54 -15.53 14.51
CA THR D 216 -19.56 -15.51 14.45
C THR D 216 -20.52 -16.67 14.55
N TRP D 217 -21.31 -16.71 15.63
CA TRP D 217 -22.41 -17.69 15.73
C TRP D 217 -23.72 -17.04 15.34
N GLN D 218 -24.52 -17.76 14.57
CA GLN D 218 -25.91 -17.40 14.29
C GLN D 218 -26.86 -18.45 14.85
N ARG D 219 -28.01 -17.99 15.36
CA ARG D 219 -29.11 -18.87 15.80
C ARG D 219 -30.23 -18.57 14.81
N ASP D 220 -30.61 -19.53 13.97
CA ASP D 220 -31.54 -19.26 12.82
C ASP D 220 -31.16 -18.04 12.01
N GLY D 221 -29.91 -17.82 11.74
CA GLY D 221 -29.62 -16.57 11.00
C GLY D 221 -29.50 -15.27 11.78
N GLU D 222 -29.71 -15.30 13.10
CA GLU D 222 -29.52 -14.08 13.88
C GLU D 222 -28.18 -14.12 14.59
N ASP D 223 -27.38 -13.06 14.45
CA ASP D 223 -26.08 -13.02 15.14
C ASP D 223 -26.24 -13.11 16.65
N GLN D 224 -25.41 -13.92 17.29
CA GLN D 224 -25.49 -14.14 18.73
C GLN D 224 -24.35 -13.47 19.51
N THR D 225 -24.02 -12.27 19.11
CA THR D 225 -22.80 -11.64 19.59
C THR D 225 -22.72 -11.45 21.12
N GLN D 226 -23.83 -11.04 21.73
CA GLN D 226 -23.96 -10.85 23.19
C GLN D 226 -23.89 -12.14 24.02
N ASP D 227 -24.19 -13.26 23.38
CA ASP D 227 -24.17 -14.54 24.03
C ASP D 227 -22.95 -15.37 23.63
N THR D 228 -22.04 -14.79 22.85
CA THR D 228 -20.85 -15.52 22.41
C THR D 228 -19.64 -15.21 23.28
N GLU D 229 -18.90 -16.25 23.70
CA GLU D 229 -17.59 -16.03 24.32
C GLU D 229 -16.56 -16.14 23.20
N LEU D 230 -15.86 -15.05 22.96
CA LEU D 230 -14.90 -15.00 21.89
C LEU D 230 -13.54 -14.76 22.51
N VAL D 231 -12.62 -15.70 22.33
CA VAL D 231 -11.32 -15.47 22.95
C VAL D 231 -10.44 -14.66 22.04
N GLU D 232 -9.40 -14.06 22.63
CA GLU D 232 -8.44 -13.29 21.86
C GLU D 232 -7.67 -14.22 20.92
N THR D 233 -7.47 -13.77 19.68
CA THR D 233 -6.62 -14.55 18.73
C THR D 233 -5.26 -14.78 19.33
N ARG D 234 -4.81 -16.03 19.28
CA ARG D 234 -3.60 -16.41 20.03
C ARG D 234 -2.58 -17.06 19.09
N PRO D 235 -1.30 -16.87 19.40
CA PRO D 235 -0.24 -17.50 18.57
C PRO D 235 -0.07 -18.98 18.89
N ALA D 236 0.07 -19.84 17.88
CA ALA D 236 0.40 -21.26 18.16
C ALA D 236 1.85 -21.43 18.54
N GLY D 237 2.71 -20.52 18.06
CA GLY D 237 4.14 -20.54 18.36
C GLY D 237 5.00 -20.86 17.15
N ASP D 238 4.34 -21.25 16.06
CA ASP D 238 4.99 -21.67 14.80
C ASP D 238 4.74 -20.66 13.69
N GLY D 239 4.25 -19.47 14.04
CA GLY D 239 4.00 -18.49 12.97
C GLY D 239 2.55 -18.51 12.49
N THR D 240 1.71 -19.35 13.09
CA THR D 240 0.27 -19.37 12.79
C THR D 240 -0.51 -19.04 14.06
N PHE D 241 -1.81 -18.81 13.85
CA PHE D 241 -2.72 -18.36 14.91
C PHE D 241 -3.91 -19.28 15.10
N GLN D 242 -4.59 -19.11 16.24
CA GLN D 242 -5.77 -19.89 16.61
C GLN D 242 -6.80 -18.97 17.18
N LYS D 243 -8.09 -19.38 17.15
CA LYS D 243 -9.12 -18.60 17.82
C LYS D 243 -10.33 -19.54 17.93
N TRP D 244 -11.14 -19.28 18.94
CA TRP D 244 -12.42 -19.96 19.03
C TRP D 244 -13.51 -19.02 19.52
N ALA D 245 -14.75 -19.43 19.25
CA ALA D 245 -15.94 -18.72 19.78
C ALA D 245 -16.92 -19.76 20.30
N ALA D 246 -17.52 -19.51 21.46
CA ALA D 246 -18.42 -20.53 22.01
C ALA D 246 -19.76 -19.96 22.42
N VAL D 247 -20.78 -20.81 22.37
CA VAL D 247 -22.12 -20.45 22.88
C VAL D 247 -22.60 -21.62 23.74
N VAL D 248 -23.41 -21.34 24.75
CA VAL D 248 -24.06 -22.42 25.52
C VAL D 248 -25.52 -22.42 25.10
N VAL D 249 -26.02 -23.57 24.66
CA VAL D 249 -27.34 -23.66 24.06
C VAL D 249 -28.15 -24.74 24.71
N PRO D 250 -29.49 -24.62 24.66
CA PRO D 250 -30.29 -25.74 25.14
C PRO D 250 -30.11 -26.98 24.27
N SER D 251 -29.96 -28.13 24.94
CA SER D 251 -29.81 -29.41 24.26
C SER D 251 -31.01 -29.65 23.39
N GLY D 252 -30.77 -30.03 22.15
CA GLY D 252 -31.83 -30.20 21.19
C GLY D 252 -31.89 -29.08 20.16
N GLN D 253 -31.32 -27.91 20.48
CA GLN D 253 -31.39 -26.79 19.53
C GLN D 253 -30.14 -26.63 18.66
N GLU D 254 -29.24 -27.63 18.68
CA GLU D 254 -27.94 -27.48 17.98
C GLU D 254 -28.12 -27.15 16.52
N GLN D 255 -29.14 -27.74 15.86
CA GLN D 255 -29.31 -27.50 14.45
C GLN D 255 -29.73 -26.07 14.11
N ARG D 256 -30.12 -25.28 15.12
CA ARG D 256 -30.43 -23.88 14.86
C ARG D 256 -29.15 -23.05 14.77
N TYR D 257 -28.04 -23.59 15.23
CA TYR D 257 -26.82 -22.77 15.35
C TYR D 257 -25.77 -23.06 14.29
N THR D 258 -25.24 -21.99 13.74
CA THR D 258 -24.20 -22.13 12.70
C THR D 258 -23.02 -21.21 13.03
N CYS D 259 -21.82 -21.66 12.69
CA CYS D 259 -20.63 -20.82 12.90
C CYS D 259 -20.14 -20.33 11.57
N HIS D 260 -19.74 -19.07 11.52
CA HIS D 260 -19.39 -18.42 10.24
C HIS D 260 -17.97 -17.91 10.35
N VAL D 261 -17.13 -18.25 9.38
CA VAL D 261 -15.71 -17.97 9.51
C VAL D 261 -15.26 -17.16 8.30
N GLN D 262 -14.65 -16.01 8.55
CA GLN D 262 -14.14 -15.16 7.48
C GLN D 262 -12.64 -14.97 7.70
N HIS D 263 -11.88 -15.17 6.62
CA HIS D 263 -10.42 -15.04 6.67
C HIS D 263 -9.96 -14.83 5.25
N GLU D 264 -8.88 -14.07 5.09
CA GLU D 264 -8.37 -13.79 3.74
C GLU D 264 -7.92 -15.01 2.92
N GLY D 265 -7.57 -16.09 3.62
CA GLY D 265 -7.19 -17.37 3.01
C GLY D 265 -8.30 -18.22 2.45
N LEU D 266 -9.52 -17.91 2.83
CA LEU D 266 -10.68 -18.65 2.36
C LEU D 266 -11.12 -18.00 1.05
N PRO D 267 -11.47 -18.81 0.01
CA PRO D 267 -12.01 -18.21 -1.20
C PRO D 267 -13.39 -17.52 -1.01
N LYS D 268 -14.15 -17.98 -0.02
CA LYS D 268 -15.50 -17.50 0.32
C LYS D 268 -15.64 -17.76 1.83
N PRO D 269 -16.47 -16.98 2.56
CA PRO D 269 -16.64 -17.30 4.00
C PRO D 269 -17.26 -18.69 4.21
N LEU D 270 -16.88 -19.36 5.29
CA LEU D 270 -17.31 -20.72 5.55
C LEU D 270 -18.44 -20.71 6.55
N THR D 271 -19.45 -21.57 6.31
CA THR D 271 -20.46 -21.85 7.34
C THR D 271 -20.33 -23.30 7.83
N LEU D 272 -20.26 -23.47 9.12
CA LEU D 272 -20.19 -24.83 9.70
C LEU D 272 -21.52 -25.08 10.40
N ARG D 273 -22.03 -26.31 10.27
CA ARG D 273 -23.38 -26.67 10.73
C ARG D 273 -23.36 -27.98 11.53
N TRP D 274 -24.44 -28.21 12.27
CA TRP D 274 -24.59 -29.42 13.06
C TRP D 274 -25.47 -30.48 12.41
N GLU D 275 -25.72 -30.31 11.12
CA GLU D 275 -26.49 -31.28 10.32
C GLU D 275 -25.96 -31.17 8.90
N MET E 1 -4.37 4.87 38.78
CA MET E 1 -3.77 4.38 37.50
CA MET E 1 -3.88 4.38 37.40
C MET E 1 -4.69 3.38 36.79
N ILE E 2 -4.64 3.37 35.47
CA ILE E 2 -5.24 2.29 34.67
C ILE E 2 -4.66 0.95 35.07
N GLN E 3 -5.55 -0.02 35.27
CA GLN E 3 -5.13 -1.41 35.41
C GLN E 3 -6.10 -2.26 34.58
N ARG E 4 -5.55 -3.22 33.81
CA ARG E 4 -6.37 -4.11 32.98
C ARG E 4 -5.93 -5.55 33.31
N THR E 5 -6.90 -6.43 33.49
CA THR E 5 -6.67 -7.82 33.91
C THR E 5 -6.20 -8.66 32.74
N PRO E 6 -5.23 -9.54 32.97
CA PRO E 6 -4.85 -10.46 31.87
C PRO E 6 -5.94 -11.48 31.56
N LYS E 7 -6.08 -11.71 30.25
CA LYS E 7 -6.93 -12.79 29.74
C LYS E 7 -5.97 -13.93 29.49
N ILE E 8 -6.21 -15.07 30.15
CA ILE E 8 -5.22 -16.17 30.22
C ILE E 8 -5.76 -17.36 29.40
N GLN E 9 -4.94 -17.86 28.47
CA GLN E 9 -5.30 -19.06 27.72
C GLN E 9 -4.21 -20.07 27.78
N VAL E 10 -4.56 -21.30 28.14
CA VAL E 10 -3.58 -22.40 28.16
C VAL E 10 -3.97 -23.48 27.16
N TYR E 11 -3.00 -23.90 26.31
CA TYR E 11 -3.37 -24.69 25.13
C TYR E 11 -2.12 -25.27 24.53
N SER E 12 -2.30 -26.28 23.71
CA SER E 12 -1.15 -26.88 22.99
C SER E 12 -1.04 -26.30 21.61
N ARG E 13 0.20 -26.28 21.10
CA ARG E 13 0.38 -25.80 19.73
C ARG E 13 -0.38 -26.68 18.69
N HIS E 14 -0.26 -28.02 18.81
CA HIS E 14 -0.88 -28.98 17.90
C HIS E 14 -1.88 -29.80 18.66
N PRO E 15 -2.85 -30.43 17.98
CA PRO E 15 -3.77 -31.28 18.70
C PRO E 15 -3.01 -32.33 19.55
N ALA E 16 -3.34 -32.43 20.83
CA ALA E 16 -2.60 -33.33 21.73
C ALA E 16 -2.80 -34.81 21.46
N GLU E 17 -1.70 -35.54 21.46
CA GLU E 17 -1.75 -36.99 21.34
C GLU E 17 -0.80 -37.53 22.41
N ASN E 18 -1.28 -38.43 23.27
CA ASN E 18 -0.43 -39.02 24.32
C ASN E 18 0.84 -39.63 23.77
N GLY E 19 1.97 -39.22 24.34
CA GLY E 19 3.27 -39.78 23.96
C GLY E 19 3.96 -39.09 22.80
N LYS E 20 3.33 -38.06 22.25
CA LYS E 20 3.86 -37.34 21.10
C LYS E 20 4.27 -35.94 21.52
N SER E 21 5.53 -35.59 21.26
CA SER E 21 6.02 -34.24 21.64
CA SER E 21 5.99 -34.25 21.67
C SER E 21 5.21 -33.11 20.99
N ASN E 22 5.05 -32.02 21.73
CA ASN E 22 4.18 -30.90 21.40
C ASN E 22 4.72 -29.66 22.14
N PHE E 23 3.99 -28.55 22.10
CA PHE E 23 4.38 -27.37 22.83
C PHE E 23 3.19 -26.93 23.67
N LEU E 24 3.44 -26.62 24.95
CA LEU E 24 2.39 -26.11 25.82
C LEU E 24 2.57 -24.60 25.89
N ASN E 25 1.46 -23.90 25.63
CA ASN E 25 1.44 -22.44 25.62
C ASN E 25 0.60 -21.87 26.75
N CYS E 26 1.06 -20.76 27.32
CA CYS E 26 0.18 -19.94 28.14
C CYS E 26 0.27 -18.53 27.56
N TYR E 27 -0.84 -18.07 26.99
CA TYR E 27 -0.87 -16.77 26.36
C TYR E 27 -1.63 -15.85 27.29
N VAL E 28 -1.00 -14.72 27.62
CA VAL E 28 -1.64 -13.69 28.47
C VAL E 28 -1.79 -12.43 27.65
N SER E 29 -2.98 -11.89 27.59
CA SER E 29 -3.19 -10.67 26.75
C SER E 29 -4.10 -9.68 27.46
N GLY E 30 -4.11 -8.45 26.95
CA GLY E 30 -5.07 -7.48 27.46
C GLY E 30 -4.74 -6.85 28.80
N PHE E 31 -3.49 -6.98 29.27
CA PHE E 31 -3.18 -6.51 30.62
C PHE E 31 -2.42 -5.18 30.66
N HIS E 32 -2.50 -4.54 31.82
CA HIS E 32 -1.76 -3.28 32.07
C HIS E 32 -1.75 -3.10 33.58
N PRO E 33 -0.60 -2.77 34.20
CA PRO E 33 0.74 -2.57 33.61
C PRO E 33 1.41 -3.88 33.17
N SER E 34 2.64 -3.78 32.69
CA SER E 34 3.28 -4.93 32.09
C SER E 34 3.85 -5.92 33.11
N ASP E 35 4.03 -5.53 34.36
CA ASP E 35 4.66 -6.42 35.37
C ASP E 35 3.70 -7.60 35.53
N ILE E 36 4.17 -8.82 35.27
CA ILE E 36 3.29 -10.00 35.40
C ILE E 36 4.16 -11.23 35.71
N GLU E 37 3.60 -12.22 36.41
CA GLU E 37 4.34 -13.45 36.68
C GLU E 37 3.53 -14.57 36.04
N VAL E 38 4.18 -15.36 35.20
CA VAL E 38 3.49 -16.43 34.51
C VAL E 38 4.30 -17.70 34.68
N ASP E 39 3.70 -18.77 35.20
CA ASP E 39 4.40 -20.06 35.29
C ASP E 39 3.58 -21.13 34.61
N LEU E 40 4.25 -22.03 33.89
CA LEU E 40 3.60 -23.27 33.48
C LEU E 40 3.86 -24.34 34.55
N LEU E 41 2.82 -25.13 34.85
CA LEU E 41 2.87 -26.14 35.89
C LEU E 41 2.62 -27.55 35.38
N LYS E 42 3.37 -28.49 35.90
CA LYS E 42 3.18 -29.92 35.63
C LYS E 42 2.88 -30.56 36.97
N ASN E 43 1.66 -31.11 37.10
CA ASN E 43 1.15 -31.68 38.36
C ASN E 43 1.44 -30.73 39.54
N GLY E 44 1.18 -29.44 39.29
CA GLY E 44 1.29 -28.36 40.28
C GLY E 44 2.68 -27.77 40.48
N GLU E 45 3.68 -28.35 39.83
CA GLU E 45 5.09 -27.96 40.02
C GLU E 45 5.54 -27.03 38.88
N ARG E 46 6.23 -25.93 39.22
CA ARG E 46 6.66 -24.99 38.18
C ARG E 46 7.65 -25.68 37.19
N ILE E 47 7.39 -25.52 35.88
CA ILE E 47 8.33 -26.02 34.88
C ILE E 47 9.43 -24.97 34.71
N GLU E 48 10.69 -25.35 34.94
CA GLU E 48 11.76 -24.35 34.90
C GLU E 48 12.24 -23.97 33.50
N LYS E 49 12.13 -24.88 32.54
CA LYS E 49 12.64 -24.59 31.17
C LYS E 49 11.74 -23.68 30.29
N VAL E 50 10.76 -23.02 30.87
CA VAL E 50 9.81 -22.17 30.09
C VAL E 50 10.45 -20.91 29.48
N GLU E 51 10.17 -20.66 28.20
CA GLU E 51 10.61 -19.42 27.53
C GLU E 51 9.44 -18.51 27.29
N HIS E 52 9.72 -17.25 26.96
CA HIS E 52 8.62 -16.34 26.63
C HIS E 52 8.99 -15.37 25.50
N SER E 53 7.94 -14.85 24.87
CA SER E 53 8.03 -13.88 23.81
C SER E 53 8.47 -12.54 24.36
N ASP E 54 8.92 -11.69 23.45
CA ASP E 54 9.33 -10.34 23.82
C ASP E 54 8.09 -9.47 24.02
N LEU E 55 8.12 -8.65 25.07
CA LEU E 55 6.95 -7.79 25.41
C LEU E 55 6.48 -6.91 24.25
N SER E 56 5.19 -7.01 23.95
CA SER E 56 4.61 -6.21 22.87
C SER E 56 3.21 -5.83 23.35
N PHE E 57 2.54 -5.04 22.54
CA PHE E 57 1.23 -4.57 22.96
C PHE E 57 0.30 -4.34 21.75
N SER E 58 -1.00 -4.30 22.03
CA SER E 58 -1.99 -4.17 21.00
C SER E 58 -2.33 -2.69 20.73
N LYS E 59 -3.25 -2.46 19.78
CA LYS E 59 -3.70 -1.08 19.41
C LYS E 59 -4.18 -0.25 20.60
N ASP E 60 -4.80 -0.93 21.56
CA ASP E 60 -5.39 -0.26 22.74
C ASP E 60 -4.40 -0.12 23.89
N TRP E 61 -3.13 -0.42 23.61
CA TRP E 61 -1.97 -0.29 24.54
C TRP E 61 -1.80 -1.46 25.52
N SER E 62 -2.74 -2.39 25.50
CA SER E 62 -2.62 -3.48 26.46
C SER E 62 -1.60 -4.52 26.02
N PHE E 63 -0.90 -5.09 26.99
CA PHE E 63 0.25 -5.96 26.70
C PHE E 63 -0.14 -7.38 26.40
N TYR E 64 0.74 -8.08 25.69
CA TYR E 64 0.56 -9.53 25.53
C TYR E 64 1.90 -10.24 25.54
N LEU E 65 1.87 -11.47 26.07
CA LEU E 65 3.06 -12.34 26.15
C LEU E 65 2.66 -13.80 25.96
N LEU E 66 3.53 -14.57 25.31
CA LEU E 66 3.33 -16.01 25.17
C LEU E 66 4.43 -16.69 25.97
N TYR E 67 4.03 -17.56 26.90
CA TYR E 67 4.99 -18.40 27.61
C TYR E 67 4.84 -19.81 27.07
N TYR E 68 5.95 -20.50 26.86
CA TYR E 68 5.87 -21.79 26.16
C TYR E 68 6.97 -22.75 26.54
N THR E 69 6.67 -24.05 26.42
CA THR E 69 7.69 -25.08 26.67
C THR E 69 7.34 -26.33 25.84
N GLU E 70 8.36 -27.08 25.46
CA GLU E 70 8.17 -28.39 24.83
CA GLU E 70 8.15 -28.41 24.85
C GLU E 70 7.60 -29.31 25.90
N PHE E 71 6.66 -30.18 25.52
CA PHE E 71 6.10 -31.14 26.47
C PHE E 71 5.59 -32.36 25.73
N THR E 72 5.45 -33.45 26.46
CA THR E 72 4.88 -34.65 25.87
C THR E 72 3.71 -35.06 26.76
N PRO E 73 2.48 -34.78 26.30
CA PRO E 73 1.32 -35.11 27.11
C PRO E 73 1.18 -36.61 27.33
N THR E 74 0.60 -36.95 28.48
CA THR E 74 0.27 -38.33 28.83
C THR E 74 -1.17 -38.31 29.34
N GLU E 75 -1.67 -39.52 29.60
CA GLU E 75 -3.00 -39.68 30.17
C GLU E 75 -3.13 -38.98 31.53
N LYS E 76 -2.13 -39.13 32.40
CA LYS E 76 -2.34 -38.70 33.77
C LYS E 76 -1.74 -37.35 34.18
N ASP E 77 -0.85 -36.79 33.39
CA ASP E 77 -0.17 -35.54 33.83
C ASP E 77 -1.10 -34.38 33.59
N GLU E 78 -1.21 -33.54 34.59
CA GLU E 78 -2.07 -32.38 34.55
C GLU E 78 -1.20 -31.18 34.34
N TYR E 79 -1.57 -30.33 33.38
CA TYR E 79 -0.81 -29.08 33.11
C TYR E 79 -1.63 -27.87 33.38
N ALA E 80 -1.00 -26.75 33.69
CA ALA E 80 -1.79 -25.55 34.05
C ALA E 80 -0.88 -24.35 33.86
N CYS E 81 -1.49 -23.17 33.87
CA CYS E 81 -0.75 -21.88 33.86
C CYS E 81 -1.16 -21.14 35.11
N ARG E 82 -0.18 -20.62 35.87
CA ARG E 82 -0.44 -19.80 37.06
C ARG E 82 0.01 -18.37 36.79
N VAL E 83 -0.89 -17.42 36.96
CA VAL E 83 -0.62 -16.03 36.64
C VAL E 83 -0.86 -15.11 37.80
N ASN E 84 0.08 -14.19 38.06
CA ASN E 84 -0.17 -13.18 39.04
C ASN E 84 0.03 -11.79 38.41
N HIS E 85 -0.76 -10.86 38.89
CA HIS E 85 -0.83 -9.51 38.31
C HIS E 85 -1.49 -8.62 39.35
N VAL E 86 -1.27 -7.30 39.29
CA VAL E 86 -1.84 -6.42 40.33
C VAL E 86 -3.38 -6.50 40.34
N THR E 87 -3.99 -6.82 39.19
CA THR E 87 -5.46 -6.88 39.12
C THR E 87 -6.06 -8.15 39.74
N LEU E 88 -5.20 -9.10 40.10
CA LEU E 88 -5.66 -10.37 40.68
C LEU E 88 -5.49 -10.44 42.16
N SER E 89 -6.54 -10.82 42.87
CA SER E 89 -6.49 -10.83 44.33
C SER E 89 -5.65 -11.98 44.88
N GLN E 90 -5.47 -13.01 44.08
CA GLN E 90 -4.49 -14.07 44.33
C GLN E 90 -4.07 -14.64 42.98
N PRO E 91 -2.99 -15.47 42.93
CA PRO E 91 -2.67 -16.04 41.62
C PRO E 91 -3.82 -16.86 41.04
N LYS E 92 -4.02 -16.72 39.75
CA LYS E 92 -5.05 -17.43 39.03
C LYS E 92 -4.42 -18.63 38.34
N ILE E 93 -5.00 -19.81 38.58
CA ILE E 93 -4.50 -21.05 37.94
C ILE E 93 -5.57 -21.44 36.89
N VAL E 94 -5.15 -21.56 35.63
CA VAL E 94 -6.04 -22.04 34.57
C VAL E 94 -5.52 -23.41 34.12
N LYS E 95 -6.37 -24.44 34.17
CA LYS E 95 -5.93 -25.81 33.85
C LYS E 95 -6.00 -26.04 32.35
N TRP E 96 -5.04 -26.78 31.82
CA TRP E 96 -5.09 -27.17 30.42
C TRP E 96 -6.20 -28.20 30.23
N ASP E 97 -7.12 -27.92 29.31
CA ASP E 97 -8.23 -28.82 29.01
C ASP E 97 -8.11 -29.23 27.54
N ARG E 98 -7.67 -30.45 27.29
CA ARG E 98 -7.40 -30.87 25.92
C ARG E 98 -8.68 -31.17 25.13
N ASP E 99 -9.82 -31.22 25.81
CA ASP E 99 -11.07 -31.64 25.16
C ASP E 99 -11.96 -30.46 24.75
N MET E 100 -11.42 -29.25 24.70
CA MET E 100 -12.23 -28.08 24.29
C MET E 100 -12.49 -28.03 22.79
N LEU F 1 13.50 -1.14 9.37
CA LEU F 1 14.52 -0.11 9.76
C LEU F 1 13.80 0.98 10.51
N GLY F 2 14.29 1.30 11.70
CA GLY F 2 13.62 2.25 12.58
C GLY F 2 14.01 3.69 12.26
N TYR F 3 13.23 4.64 12.79
CA TYR F 3 13.69 6.02 12.57
C TYR F 3 14.83 6.39 13.53
N GLY F 4 15.63 7.37 13.11
CA GLY F 4 16.87 7.70 13.80
C GLY F 4 16.95 9.04 14.48
N PHE F 5 16.01 9.94 14.20
CA PHE F 5 15.94 11.22 14.92
C PHE F 5 15.30 10.94 16.29
N VAL F 6 15.55 11.81 17.24
CA VAL F 6 15.00 11.63 18.58
C VAL F 6 14.12 12.83 18.89
N ASN F 7 13.19 12.61 19.82
CA ASN F 7 12.43 13.73 20.37
C ASN F 7 12.09 13.40 21.79
N TYR F 8 11.74 14.42 22.57
CA TYR F 8 11.43 14.26 23.99
C TYR F 8 10.01 14.76 24.21
N ILE F 9 9.28 14.07 25.09
CA ILE F 9 7.94 14.49 25.51
C ILE F 9 8.02 15.85 26.26
#